data_6AAV
#
_entry.id   6AAV
#
_cell.length_a   73.071
_cell.length_b   83.478
_cell.length_c   180.785
_cell.angle_alpha   90.000
_cell.angle_beta   90.000
_cell.angle_gamma   90.000
#
_symmetry.space_group_name_H-M   'P 2 21 21'
#
loop_
_entity.id
_entity.type
_entity.pdbx_description
1 polymer Alpha-glucosyltransferase
2 water water
#
_entity_poly.entity_id   1
_entity_poly.type   'polypeptide(L)'
_entity_poly.pdbx_seq_one_letter_code
;GSHMASMSQTPWWRGAVIYQIYPRSFLDSNGDGVGDLPGIIAKLDYISGLGVDAIWISPFFKSPMADFGYDISDYRAVDP
LFGSLADFDRLLEKAHGLGLKVMIDQVLSHTSIAHAWFQESRQDRSNPKADWYVWADPREDGTPPNNWLSLFGGVAWQWE
PRREQYYLHNFLVDQPDLNFHNAEVQQATLDNVRFWLDRGVDGFRLDAINFCFHDAQLRDNPAKPADKRVGRGFSADNPY
AYQYHYFNNTQPENLPFLERLRGLLDSYPGAVSLGEISSEDSLATTAEYTAQGRLHMGYSFELLVQDYSAAYIRDTVSRL
EATMLEGWPCWAISNHDVVRAVTRWGGAQATPAFARMVVALLCSLRGSICLYQGEELGLSEAEVAFEDLQDPYGITFWPT
FKGRDGCRTPMPWTDAPSAGFTSGKPWLPLAASHRAAAVSVQQDDAHSVLRAVRAFLAWRKEMPALREGSIAFYDTAEPV
LMFRREHAGQVVLLAFNLSADPAELALPAGEWEQIDVPGVELGAMDGGHLRLAGHAVVAAVGRG
;
_entity_poly.pdbx_strand_id   A,B
#
# COMPACT_ATOMS: atom_id res chain seq x y z
N GLN A 9 11.02 49.69 15.59
CA GLN A 9 11.42 49.51 14.20
C GLN A 9 10.78 48.27 13.56
N THR A 10 11.00 48.12 12.24
CA THR A 10 10.34 47.09 11.46
C THR A 10 11.02 45.74 11.71
N PRO A 11 10.23 44.68 11.84
CA PRO A 11 10.80 43.37 12.21
C PRO A 11 11.78 42.86 11.18
N TRP A 12 12.73 42.05 11.66
CA TRP A 12 13.76 41.52 10.79
C TRP A 12 13.15 40.72 9.64
N TRP A 13 12.00 40.09 9.87
CA TRP A 13 11.46 39.19 8.86
C TRP A 13 10.66 39.92 7.79
N ARG A 14 10.43 41.23 7.94
CA ARG A 14 9.62 41.97 6.99
C ARG A 14 10.49 42.29 5.77
N GLY A 15 10.29 41.52 4.70
CA GLY A 15 11.11 41.64 3.52
C GLY A 15 12.33 40.75 3.50
N ALA A 16 12.51 39.89 4.50
CA ALA A 16 13.71 39.05 4.58
C ALA A 16 13.76 38.02 3.46
N VAL A 17 14.99 37.63 3.09
CA VAL A 17 15.20 36.56 2.11
C VAL A 17 15.63 35.30 2.87
N ILE A 18 14.80 34.28 2.77
CA ILE A 18 14.94 33.04 3.52
C ILE A 18 15.42 31.95 2.57
N TYR A 19 16.52 31.30 2.92
CA TYR A 19 17.16 30.25 2.13
C TYR A 19 16.69 28.91 2.64
N GLN A 20 15.88 28.21 1.84
CA GLN A 20 15.40 26.90 2.25
C GLN A 20 16.43 25.84 1.96
N ILE A 21 16.86 25.15 3.00
CA ILE A 21 17.76 24.01 2.92
C ILE A 21 16.91 22.75 2.97
N TYR A 22 17.15 21.84 2.03
CA TYR A 22 16.60 20.51 2.16
C TYR A 22 17.72 19.60 2.69
N PRO A 23 17.74 19.29 3.99
CA PRO A 23 18.98 18.76 4.61
C PRO A 23 19.52 17.48 4.00
N ARG A 24 18.65 16.54 3.62
CA ARG A 24 19.08 15.30 2.97
C ARG A 24 19.96 15.54 1.78
N SER A 25 19.82 16.69 1.13
CA SER A 25 20.46 16.92 -0.15
C SER A 25 21.36 18.17 -0.17
N PHE A 26 21.82 18.62 0.99
CA PHE A 26 22.65 19.81 1.00
C PHE A 26 24.13 19.45 1.08
N LEU A 27 24.53 18.77 2.16
CA LEU A 27 25.93 18.37 2.20
C LEU A 27 26.08 17.18 3.13
N ASP A 28 26.65 16.10 2.62
CA ASP A 28 26.87 14.89 3.39
C ASP A 28 28.28 14.95 3.94
N SER A 29 28.40 14.80 5.26
CA SER A 29 29.64 14.98 5.99
C SER A 29 30.20 13.67 6.53
N ASN A 30 29.56 12.54 6.28
CA ASN A 30 30.05 11.27 6.80
C ASN A 30 29.96 10.11 5.79
N GLY A 31 29.73 10.39 4.52
CA GLY A 31 29.86 9.36 3.48
C GLY A 31 28.69 8.42 3.28
N ASP A 32 27.57 8.59 4.00
CA ASP A 32 26.45 7.68 3.78
C ASP A 32 25.56 8.08 2.61
N GLY A 33 25.88 9.15 1.91
CA GLY A 33 25.11 9.60 0.76
C GLY A 33 23.94 10.52 1.07
N VAL A 34 23.73 10.88 2.34
CA VAL A 34 22.58 11.66 2.79
C VAL A 34 23.10 12.89 3.54
N GLY A 35 22.66 14.08 3.11
CA GLY A 35 23.02 15.32 3.79
C GLY A 35 22.68 15.31 5.27
N ASP A 36 23.40 16.10 6.08
CA ASP A 36 23.28 16.03 7.53
C ASP A 36 23.55 17.41 8.11
N LEU A 37 23.32 17.53 9.41
CA LEU A 37 23.43 18.83 10.06
C LEU A 37 24.88 19.35 10.07
N PRO A 38 25.88 18.51 10.36
CA PRO A 38 27.27 19.03 10.26
C PRO A 38 27.64 19.57 8.88
N GLY A 39 27.07 19.01 7.80
CA GLY A 39 27.30 19.59 6.48
C GLY A 39 26.72 20.99 6.34
N ILE A 40 25.53 21.21 6.90
CA ILE A 40 25.02 22.57 6.94
C ILE A 40 25.98 23.48 7.70
N ILE A 41 26.40 23.04 8.89
CA ILE A 41 27.30 23.86 9.73
C ILE A 41 28.51 24.27 8.92
N ALA A 42 29.05 23.32 8.17
CA ALA A 42 30.24 23.58 7.36
C ALA A 42 29.99 24.57 6.23
N LYS A 43 28.74 24.73 5.78
CA LYS A 43 28.46 25.67 4.69
C LYS A 43 27.74 26.94 5.15
N LEU A 44 27.61 27.13 6.45
CA LEU A 44 26.98 28.36 6.93
C LEU A 44 27.72 29.59 6.44
N ASP A 45 29.05 29.50 6.26
CA ASP A 45 29.78 30.65 5.71
C ASP A 45 29.35 30.95 4.29
N TYR A 46 29.17 29.91 3.47
CA TYR A 46 28.66 30.11 2.11
C TYR A 46 27.28 30.71 2.11
N ILE A 47 26.39 30.21 2.98
CA ILE A 47 25.02 30.72 2.97
C ILE A 47 24.99 32.18 3.39
N SER A 48 25.73 32.51 4.45
CA SER A 48 25.84 33.91 4.85
C SER A 48 26.41 34.76 3.73
N GLY A 49 27.42 34.23 3.02
CA GLY A 49 28.01 34.95 1.90
C GLY A 49 27.06 35.16 0.74
N LEU A 50 25.95 34.40 0.68
CA LEU A 50 24.99 34.68 -0.37
C LEU A 50 24.33 36.03 -0.18
N GLY A 51 24.23 36.50 1.07
CA GLY A 51 23.52 37.72 1.37
C GLY A 51 22.09 37.53 1.77
N VAL A 52 21.67 36.29 1.99
CA VAL A 52 20.32 36.06 2.47
C VAL A 52 20.25 36.39 3.95
N ASP A 53 19.03 36.60 4.43
CA ASP A 53 18.81 37.06 5.79
C ASP A 53 18.55 35.94 6.76
N ALA A 54 18.14 34.76 6.28
CA ALA A 54 17.83 33.65 7.17
C ALA A 54 17.92 32.33 6.44
N ILE A 55 17.96 31.23 7.19
CA ILE A 55 17.77 29.90 6.63
C ILE A 55 16.49 29.29 7.19
N TRP A 56 15.83 28.46 6.39
CA TRP A 56 14.76 27.58 6.85
C TRP A 56 15.19 26.15 6.56
N ILE A 57 15.33 25.33 7.60
CA ILE A 57 15.73 23.95 7.46
C ILE A 57 14.50 23.06 7.45
N SER A 58 14.35 22.29 6.37
CA SER A 58 13.31 21.27 6.28
C SER A 58 13.54 20.18 7.33
N PRO A 59 12.57 19.28 7.55
CA PRO A 59 12.59 18.45 8.76
C PRO A 59 13.84 17.61 8.91
N PHE A 60 14.40 17.65 10.12
CA PHE A 60 15.54 16.84 10.51
C PHE A 60 15.21 16.06 11.78
N PHE A 61 13.94 15.95 12.13
CA PHE A 61 13.52 15.31 13.37
C PHE A 61 13.43 13.79 13.18
N LYS A 62 13.38 13.09 14.31
CA LYS A 62 13.26 11.63 14.28
C LYS A 62 12.08 11.23 13.41
N SER A 63 12.34 10.32 12.45
CA SER A 63 11.39 10.00 11.39
C SER A 63 11.74 8.70 10.68
N PRO A 64 10.77 7.82 10.40
CA PRO A 64 11.06 6.67 9.51
C PRO A 64 11.37 7.06 8.06
N MET A 65 11.19 8.33 7.70
CA MET A 65 11.48 8.89 6.39
C MET A 65 10.54 8.41 5.28
N ALA A 66 9.32 7.97 5.63
CA ALA A 66 8.38 7.57 4.60
C ALA A 66 7.99 8.75 3.70
N ASP A 67 7.87 9.95 4.28
CA ASP A 67 7.72 11.19 3.52
C ASP A 67 8.97 12.04 3.74
N PHE A 68 10.11 11.37 3.84
CA PHE A 68 11.42 11.99 3.98
C PHE A 68 11.38 13.15 4.98
N GLY A 69 10.93 12.81 6.19
CA GLY A 69 11.05 13.67 7.35
C GLY A 69 9.75 14.30 7.76
N TYR A 70 8.79 14.41 6.84
CA TYR A 70 7.49 15.00 7.18
C TYR A 70 6.57 14.00 7.88
N ASP A 71 7.07 12.79 8.16
CA ASP A 71 6.42 11.82 9.02
C ASP A 71 7.27 11.74 10.30
N ILE A 72 6.90 12.51 11.31
CA ILE A 72 7.75 12.69 12.48
C ILE A 72 7.36 11.70 13.57
N SER A 73 8.36 11.00 14.12
CA SER A 73 8.08 10.06 15.20
C SER A 73 8.49 10.56 16.59
N ASP A 74 9.21 11.68 16.69
CA ASP A 74 9.51 12.32 17.97
C ASP A 74 9.74 13.80 17.67
N TYR A 75 8.83 14.65 18.15
CA TYR A 75 8.85 16.06 17.80
C TYR A 75 10.03 16.80 18.44
N ARG A 76 10.69 16.23 19.42
CA ARG A 76 11.72 16.94 20.17
C ARG A 76 13.12 16.36 19.96
N ALA A 77 13.30 15.53 18.95
CA ALA A 77 14.56 14.82 18.76
C ALA A 77 15.01 14.98 17.31
N VAL A 78 16.32 15.01 17.13
CA VAL A 78 16.98 15.01 15.83
C VAL A 78 17.15 13.57 15.40
N ASP A 79 16.86 13.27 14.14
CA ASP A 79 17.04 11.90 13.67
C ASP A 79 18.53 11.63 13.59
N PRO A 80 19.00 10.47 14.06
CA PRO A 80 20.45 10.19 13.97
C PRO A 80 20.99 10.29 12.57
N LEU A 81 20.16 10.07 11.54
CA LEU A 81 20.59 10.28 10.17
C LEU A 81 21.16 11.67 9.96
N PHE A 82 20.69 12.67 10.70
CA PHE A 82 21.13 14.03 10.49
C PHE A 82 22.13 14.51 11.51
N GLY A 83 22.23 13.83 12.65
CA GLY A 83 23.14 14.25 13.68
C GLY A 83 22.46 14.17 15.03
N SER A 84 22.77 15.13 15.90
CA SER A 84 22.33 15.14 17.28
C SER A 84 21.71 16.50 17.61
N LEU A 85 21.04 16.55 18.75
CA LEU A 85 20.56 17.84 19.25
C LEU A 85 21.73 18.79 19.51
N ALA A 86 22.87 18.27 19.97
CA ALA A 86 24.05 19.11 20.14
C ALA A 86 24.50 19.71 18.82
N ASP A 87 24.41 18.93 17.73
CA ASP A 87 24.71 19.45 16.41
C ASP A 87 23.80 20.61 16.05
N PHE A 88 22.50 20.48 16.32
CA PHE A 88 21.60 21.57 15.99
C PHE A 88 21.92 22.82 16.80
N ASP A 89 22.23 22.65 18.09
CA ASP A 89 22.56 23.80 18.92
C ASP A 89 23.79 24.53 18.40
N ARG A 90 24.81 23.77 17.99
CA ARG A 90 25.99 24.38 17.39
C ARG A 90 25.65 25.09 16.08
N LEU A 91 24.76 24.51 15.27
CA LEU A 91 24.33 25.17 14.05
C LEU A 91 23.68 26.50 14.35
N LEU A 92 22.79 26.53 15.37
CA LEU A 92 22.15 27.78 15.77
C LEU A 92 23.19 28.82 16.14
N GLU A 93 24.12 28.46 17.04
CA GLU A 93 25.13 29.44 17.49
C GLU A 93 25.92 30.00 16.31
N LYS A 94 26.42 29.10 15.43
CA LYS A 94 27.24 29.56 14.32
C LYS A 94 26.46 30.47 13.40
N ALA A 95 25.22 30.09 13.06
CA ALA A 95 24.43 30.92 12.16
C ALA A 95 24.14 32.29 12.77
N HIS A 96 23.81 32.33 14.07
CA HIS A 96 23.55 33.61 14.70
C HIS A 96 24.80 34.48 14.69
N GLY A 97 25.97 33.87 14.84
CA GLY A 97 27.20 34.63 14.78
C GLY A 97 27.42 35.31 13.44
N LEU A 98 26.99 34.67 12.34
CA LEU A 98 27.12 35.34 11.06
C LEU A 98 25.98 36.29 10.79
N GLY A 99 25.09 36.46 11.75
CA GLY A 99 23.98 37.34 11.58
C GLY A 99 22.78 36.70 10.90
N LEU A 100 22.76 35.39 10.78
CA LEU A 100 21.64 34.70 10.15
C LEU A 100 20.59 34.35 11.19
N LYS A 101 19.34 34.44 10.80
CA LYS A 101 18.26 33.87 11.59
C LYS A 101 17.99 32.45 11.09
N VAL A 102 17.53 31.59 11.99
CA VAL A 102 17.32 30.16 11.71
C VAL A 102 15.84 29.84 11.97
N MET A 103 15.17 29.36 10.96
CA MET A 103 13.82 28.85 11.08
C MET A 103 13.84 27.35 10.83
N ILE A 104 12.95 26.62 11.50
CA ILE A 104 12.86 25.19 11.28
C ILE A 104 11.42 24.84 10.89
N ASP A 105 11.29 23.71 10.20
CA ASP A 105 9.96 23.18 9.91
C ASP A 105 9.28 22.73 11.20
N GLN A 106 7.95 22.89 11.24
CA GLN A 106 7.15 22.25 12.28
C GLN A 106 6.01 21.55 11.57
N VAL A 107 5.83 20.27 11.86
CA VAL A 107 4.82 19.49 11.16
C VAL A 107 3.71 19.14 12.13
N LEU A 108 2.78 20.07 12.34
CA LEU A 108 1.88 19.96 13.48
C LEU A 108 0.64 19.12 13.24
N SER A 109 0.23 18.97 11.99
CA SER A 109 -1.08 18.43 11.67
C SER A 109 -1.16 16.89 11.70
N HIS A 110 -0.03 16.19 11.57
CA HIS A 110 -0.04 14.74 11.48
C HIS A 110 1.31 14.24 12.01
N THR A 111 1.35 12.98 12.43
CA THR A 111 2.61 12.36 12.85
C THR A 111 2.89 11.12 12.04
N SER A 112 4.10 10.57 12.24
CA SER A 112 4.41 9.23 11.75
C SER A 112 3.57 8.20 12.50
N ILE A 113 3.26 7.08 11.83
CA ILE A 113 2.61 5.95 12.52
C ILE A 113 3.49 5.42 13.63
N ALA A 114 4.80 5.66 13.56
CA ALA A 114 5.73 5.18 14.58
C ALA A 114 5.81 6.08 15.81
N HIS A 115 5.12 7.22 15.77
CA HIS A 115 5.11 8.10 16.94
C HIS A 115 4.50 7.40 18.14
N ALA A 116 5.09 7.62 19.32
CA ALA A 116 4.55 6.99 20.54
C ALA A 116 3.08 7.32 20.76
N TRP A 117 2.66 8.55 20.40
CA TRP A 117 1.24 8.89 20.57
C TRP A 117 0.34 7.99 19.73
N PHE A 118 0.72 7.75 18.48
CA PHE A 118 -0.14 6.91 17.63
C PHE A 118 -0.05 5.45 18.05
N GLN A 119 1.16 4.99 18.40
CA GLN A 119 1.30 3.62 18.89
C GLN A 119 0.38 3.37 20.09
N GLU A 120 0.20 4.37 20.96
CA GLU A 120 -0.74 4.25 22.09
C GLU A 120 -2.18 4.37 21.61
N SER A 121 -2.49 5.40 20.81
CA SER A 121 -3.87 5.66 20.40
C SER A 121 -4.47 4.45 19.68
N ARG A 122 -3.68 3.82 18.83
CA ARG A 122 -4.24 2.80 17.96
C ARG A 122 -4.62 1.50 18.68
N GLN A 123 -4.24 1.34 19.96
CA GLN A 123 -4.34 0.02 20.60
C GLN A 123 -5.77 -0.40 20.90
N ASP A 124 -6.66 0.54 21.22
CA ASP A 124 -8.04 0.26 21.56
C ASP A 124 -8.78 1.59 21.55
N ARG A 125 -10.05 1.56 21.91
CA ARG A 125 -10.83 2.79 21.94
C ARG A 125 -10.82 3.49 23.29
N SER A 126 -10.15 2.93 24.30
CA SER A 126 -10.33 3.42 25.66
C SER A 126 -9.09 4.06 26.27
N ASN A 127 -7.92 3.88 25.65
CA ASN A 127 -6.66 4.34 26.23
C ASN A 127 -6.61 5.86 26.34
N PRO A 128 -5.70 6.40 27.15
CA PRO A 128 -5.68 7.86 27.37
C PRO A 128 -5.53 8.69 26.12
N LYS A 129 -4.97 8.15 25.04
CA LYS A 129 -4.79 8.93 23.82
C LYS A 129 -5.71 8.46 22.71
N ALA A 130 -6.78 7.75 23.05
CA ALA A 130 -7.64 7.20 22.02
C ALA A 130 -8.22 8.28 21.10
N ASP A 131 -8.47 9.46 21.63
CA ASP A 131 -9.09 10.54 20.89
C ASP A 131 -8.08 11.51 20.29
N TRP A 132 -6.79 11.18 20.35
CA TRP A 132 -5.77 12.12 19.86
C TRP A 132 -5.62 12.10 18.35
N TYR A 133 -6.08 11.03 17.69
CA TYR A 133 -6.06 10.96 16.23
C TYR A 133 -7.52 10.88 15.77
N VAL A 134 -7.72 10.88 14.46
CA VAL A 134 -9.04 11.07 13.89
C VAL A 134 -9.54 9.66 13.54
N TRP A 135 -10.28 9.06 14.47
CA TRP A 135 -10.79 7.70 14.37
C TRP A 135 -12.26 7.71 14.05
N ALA A 136 -12.67 6.78 13.19
CA ALA A 136 -14.06 6.75 12.77
C ALA A 136 -14.53 5.33 12.52
N ASP A 137 -15.76 5.05 12.91
CA ASP A 137 -16.36 3.78 12.60
C ASP A 137 -16.49 3.60 11.09
N PRO A 138 -16.43 2.35 10.62
CA PRO A 138 -16.79 2.09 9.22
C PRO A 138 -18.25 2.42 9.01
N ARG A 139 -18.59 2.71 7.76
CA ARG A 139 -20.00 2.74 7.40
C ARG A 139 -20.60 1.35 7.62
N GLU A 140 -21.93 1.28 7.50
CA GLU A 140 -22.62 0.02 7.78
C GLU A 140 -22.20 -1.11 6.84
N ASP A 141 -21.68 -0.79 5.64
CA ASP A 141 -21.22 -1.78 4.67
C ASP A 141 -19.71 -2.00 4.76
N GLY A 142 -19.08 -1.52 5.83
CA GLY A 142 -17.66 -1.73 6.07
C GLY A 142 -16.73 -0.71 5.45
N THR A 143 -17.22 0.20 4.60
CA THR A 143 -16.35 1.10 3.82
C THR A 143 -15.92 2.32 4.63
N PRO A 144 -14.96 3.10 4.12
CA PRO A 144 -14.55 4.35 4.80
C PRO A 144 -15.75 5.26 5.06
N PRO A 145 -15.68 6.08 6.11
CA PRO A 145 -16.85 6.86 6.54
C PRO A 145 -17.36 7.88 5.54
N ASN A 146 -16.54 8.32 4.58
CA ASN A 146 -16.94 9.36 3.63
C ASN A 146 -16.06 9.26 2.38
N ASN A 147 -16.13 10.26 1.51
CA ASN A 147 -15.50 10.20 0.20
C ASN A 147 -14.12 10.85 0.14
N TRP A 148 -13.50 11.15 1.27
CA TRP A 148 -12.21 11.86 1.25
C TRP A 148 -11.11 10.94 0.73
N LEU A 149 -10.26 11.49 -0.14
CA LEU A 149 -9.11 10.80 -0.71
C LEU A 149 -7.84 11.43 -0.18
N SER A 150 -6.79 10.62 -0.14
CA SER A 150 -5.47 11.12 0.20
C SER A 150 -4.89 11.91 -0.97
N LEU A 151 -4.19 13.00 -0.66
CA LEU A 151 -3.48 13.74 -1.71
C LEU A 151 -2.49 12.85 -2.42
N PHE A 152 -1.93 11.88 -1.71
CA PHE A 152 -0.86 11.04 -2.21
C PHE A 152 -1.34 9.69 -2.71
N GLY A 153 -2.66 9.53 -2.93
CA GLY A 153 -3.18 8.36 -3.60
C GLY A 153 -4.07 7.53 -2.70
N GLY A 154 -5.18 7.01 -3.24
CA GLY A 154 -6.04 6.12 -2.49
C GLY A 154 -6.98 6.88 -1.57
N VAL A 155 -7.79 6.13 -0.84
CA VAL A 155 -8.74 6.79 0.11
C VAL A 155 -7.98 7.34 1.32
N ALA A 156 -8.62 8.31 1.99
CA ALA A 156 -7.98 9.00 3.10
C ALA A 156 -8.16 8.30 4.42
N TRP A 157 -8.63 7.06 4.41
CA TRP A 157 -8.99 6.33 5.61
C TRP A 157 -8.33 4.94 5.61
N GLN A 158 -7.65 4.60 6.69
CA GLN A 158 -6.93 3.34 6.82
C GLN A 158 -7.50 2.52 7.96
N TRP A 159 -7.79 1.24 7.69
CA TRP A 159 -8.35 0.35 8.70
C TRP A 159 -7.32 -0.02 9.77
N GLU A 160 -7.77 -0.03 11.02
CA GLU A 160 -6.97 -0.47 12.18
C GLU A 160 -7.72 -1.62 12.85
N PRO A 161 -7.24 -2.87 12.72
CA PRO A 161 -7.99 -4.01 13.27
C PRO A 161 -8.07 -4.00 14.79
N ARG A 162 -7.14 -3.33 15.48
CA ARG A 162 -7.19 -3.29 16.94
C ARG A 162 -8.39 -2.51 17.47
N ARG A 163 -8.93 -1.58 16.67
CA ARG A 163 -10.05 -0.74 17.07
C ARG A 163 -11.31 -0.98 16.25
N GLU A 164 -11.23 -1.76 15.17
CA GLU A 164 -12.33 -1.91 14.22
C GLU A 164 -12.83 -0.54 13.79
N GLN A 165 -11.87 0.34 13.47
CA GLN A 165 -12.12 1.71 13.04
C GLN A 165 -11.10 2.10 12.00
N TYR A 166 -11.43 3.14 11.23
CA TYR A 166 -10.52 3.79 10.27
C TYR A 166 -9.86 5.00 10.93
N TYR A 167 -8.60 5.26 10.56
CA TYR A 167 -8.00 6.53 10.90
C TYR A 167 -7.76 7.35 9.65
N LEU A 168 -7.85 8.67 9.81
CA LEU A 168 -7.69 9.63 8.72
C LEU A 168 -6.22 9.88 8.41
N HIS A 169 -5.90 9.94 7.13
CA HIS A 169 -4.59 10.45 6.70
C HIS A 169 -4.81 11.23 5.42
N ASN A 170 -4.67 12.55 5.49
CA ASN A 170 -4.70 13.35 4.28
C ASN A 170 -3.51 13.02 3.38
N PHE A 171 -2.39 12.71 3.98
CA PHE A 171 -1.15 12.45 3.25
C PHE A 171 -0.91 10.94 3.23
N LEU A 172 0.31 10.44 3.52
CA LEU A 172 0.56 9.02 3.37
C LEU A 172 -0.21 8.22 4.43
N VAL A 173 -0.39 6.92 4.14
CA VAL A 173 -0.92 6.01 5.16
C VAL A 173 -0.09 6.10 6.43
N ASP A 174 1.24 6.33 6.29
CA ASP A 174 2.11 6.43 7.46
C ASP A 174 2.06 7.79 8.16
N GLN A 175 1.13 8.68 7.79
CA GLN A 175 0.98 10.01 8.39
C GLN A 175 -0.45 10.18 8.92
N PRO A 176 -0.77 9.57 10.05
CA PRO A 176 -2.11 9.77 10.64
C PRO A 176 -2.29 11.19 11.14
N ASP A 177 -3.47 11.73 10.81
CA ASP A 177 -3.83 13.09 11.19
C ASP A 177 -4.15 13.17 12.67
N LEU A 178 -3.62 14.19 13.33
CA LEU A 178 -3.96 14.48 14.72
C LEU A 178 -5.34 15.14 14.79
N ASN A 179 -6.04 14.86 15.89
CA ASN A 179 -7.40 15.36 16.08
C ASN A 179 -7.32 16.66 16.90
N PHE A 180 -7.30 17.80 16.19
CA PHE A 180 -7.06 19.07 16.88
C PHE A 180 -8.30 19.54 17.64
N HIS A 181 -9.44 18.87 17.43
CA HIS A 181 -10.60 19.18 18.27
C HIS A 181 -10.36 18.76 19.72
N ASN A 182 -9.37 17.91 19.97
CA ASN A 182 -9.01 17.45 21.30
C ASN A 182 -8.08 18.46 21.98
N ALA A 183 -8.48 18.89 23.18
CA ALA A 183 -7.74 19.94 23.88
C ALA A 183 -6.35 19.51 24.26
N GLU A 184 -6.17 18.23 24.62
CA GLU A 184 -4.83 17.75 24.97
C GLU A 184 -3.89 17.77 23.77
N VAL A 185 -4.43 17.52 22.57
CA VAL A 185 -3.60 17.60 21.36
C VAL A 185 -3.11 19.02 21.13
N GLN A 186 -4.03 19.99 21.24
CA GLN A 186 -3.66 21.40 21.09
C GLN A 186 -2.58 21.78 22.10
N GLN A 187 -2.74 21.36 23.37
CA GLN A 187 -1.74 21.73 24.37
C GLN A 187 -0.38 21.08 24.08
N ALA A 188 -0.38 19.79 23.74
CA ALA A 188 0.86 19.08 23.46
C ALA A 188 1.57 19.67 22.25
N THR A 189 0.79 20.10 21.26
CA THR A 189 1.36 20.76 20.08
C THR A 189 2.05 22.06 20.47
N LEU A 190 1.37 22.88 21.28
CA LEU A 190 1.97 24.13 21.72
C LEU A 190 3.23 23.88 22.54
N ASP A 191 3.22 22.84 23.36
CA ASP A 191 4.40 22.54 24.20
C ASP A 191 5.60 22.11 23.35
N ASN A 192 5.35 21.38 22.26
CA ASN A 192 6.45 21.03 21.35
C ASN A 192 7.02 22.27 20.66
N VAL A 193 6.14 23.16 20.21
CA VAL A 193 6.63 24.40 19.63
C VAL A 193 7.47 25.17 20.66
N ARG A 194 6.98 25.22 21.92
CA ARG A 194 7.73 25.90 22.99
C ARG A 194 9.11 25.29 23.21
N PHE A 195 9.22 23.97 23.10
CA PHE A 195 10.52 23.33 23.25
C PHE A 195 11.53 23.92 22.25
N TRP A 196 11.12 24.06 20.99
CA TRP A 196 12.11 24.60 20.05
C TRP A 196 12.34 26.11 20.27
N LEU A 197 11.31 26.84 20.67
CA LEU A 197 11.52 28.25 21.02
C LEU A 197 12.51 28.39 22.16
N ASP A 198 12.52 27.44 23.10
CA ASP A 198 13.42 27.50 24.24
C ASP A 198 14.83 27.16 23.87
N ARG A 199 15.05 26.60 22.70
CA ARG A 199 16.42 26.44 22.24
C ARG A 199 16.94 27.66 21.48
N GLY A 200 16.10 28.66 21.26
CA GLY A 200 16.50 29.89 20.58
C GLY A 200 16.22 29.99 19.10
N VAL A 201 15.37 29.14 18.53
CA VAL A 201 15.09 29.26 17.10
C VAL A 201 14.32 30.54 16.85
N ASP A 202 14.54 31.12 15.67
CA ASP A 202 13.96 32.41 15.31
C ASP A 202 12.59 32.29 14.68
N GLY A 203 12.18 31.09 14.31
CA GLY A 203 10.85 30.97 13.78
C GLY A 203 10.62 29.61 13.16
N PHE A 204 9.45 29.50 12.57
CA PHE A 204 8.95 28.22 12.11
C PHE A 204 8.24 28.38 10.79
N ARG A 205 8.56 27.48 9.87
CA ARG A 205 7.73 27.22 8.72
C ARG A 205 6.73 26.14 9.13
N LEU A 206 5.43 26.46 9.04
CA LEU A 206 4.36 25.60 9.58
C LEU A 206 3.76 24.79 8.43
N ASP A 207 4.17 23.53 8.38
CA ASP A 207 3.74 22.61 7.35
C ASP A 207 2.23 22.41 7.36
N ALA A 208 1.60 22.47 6.20
CA ALA A 208 0.18 22.13 5.99
C ALA A 208 -0.69 22.70 7.10
N ILE A 209 -0.51 24.00 7.36
CA ILE A 209 -1.06 24.57 8.60
C ILE A 209 -2.59 24.59 8.55
N ASN A 210 -3.18 24.71 7.37
CA ASN A 210 -4.65 24.68 7.28
C ASN A 210 -5.22 23.27 7.38
N PHE A 211 -4.39 22.23 7.49
CA PHE A 211 -4.88 20.86 7.66
C PHE A 211 -5.06 20.44 9.11
N CYS A 212 -4.72 21.32 10.08
CA CYS A 212 -4.75 20.90 11.47
C CYS A 212 -6.13 20.39 11.88
N PHE A 213 -7.19 21.09 11.47
CA PHE A 213 -8.55 20.67 11.78
C PHE A 213 -9.28 20.08 10.57
N HIS A 214 -10.00 19.01 10.82
CA HIS A 214 -10.94 18.43 9.87
C HIS A 214 -12.35 18.68 10.39
N ASP A 215 -13.32 18.50 9.50
CA ASP A 215 -14.74 18.58 9.87
C ASP A 215 -15.15 17.37 10.70
N ALA A 216 -15.53 17.61 11.97
CA ALA A 216 -15.92 16.50 12.84
C ALA A 216 -17.19 15.80 12.40
N GLN A 217 -18.01 16.44 11.56
CA GLN A 217 -19.18 15.77 11.01
C GLN A 217 -18.82 14.76 9.92
N LEU A 218 -17.57 14.80 9.45
CA LEU A 218 -17.09 13.89 8.39
C LEU A 218 -17.91 13.99 7.11
N ARG A 219 -18.38 15.20 6.79
CA ARG A 219 -19.23 15.40 5.61
C ARG A 219 -18.46 15.12 4.33
N ASP A 220 -19.15 14.53 3.36
CA ASP A 220 -18.56 14.33 2.03
C ASP A 220 -18.18 15.68 1.43
N ASN A 221 -17.03 15.72 0.74
CA ASN A 221 -16.74 16.89 -0.08
C ASN A 221 -17.59 16.85 -1.37
N PRO A 222 -18.06 18.00 -1.85
CA PRO A 222 -18.77 18.02 -3.13
C PRO A 222 -17.86 17.77 -4.31
N ALA A 223 -18.44 17.18 -5.35
CA ALA A 223 -17.70 16.92 -6.59
C ALA A 223 -17.36 18.22 -7.31
N LYS A 224 -16.23 18.21 -8.03
CA LYS A 224 -15.77 19.38 -8.78
C LYS A 224 -15.67 18.99 -10.24
N PRO A 225 -16.38 19.66 -11.14
CA PRO A 225 -16.35 19.26 -12.56
C PRO A 225 -14.97 19.43 -13.15
N ALA A 226 -14.74 18.69 -14.25
CA ALA A 226 -13.41 18.62 -14.85
C ALA A 226 -12.91 19.99 -15.27
N ASP A 227 -13.78 20.84 -15.81
CA ASP A 227 -13.32 22.15 -16.29
C ASP A 227 -13.05 23.13 -15.17
N LYS A 228 -13.27 22.75 -13.91
CA LYS A 228 -12.96 23.60 -12.77
C LYS A 228 -11.73 23.16 -12.00
N ARG A 229 -11.14 22.01 -12.36
CA ARG A 229 -10.08 21.42 -11.57
C ARG A 229 -8.78 22.17 -11.77
N VAL A 230 -8.11 22.46 -10.67
CA VAL A 230 -6.90 23.29 -10.62
C VAL A 230 -5.99 22.66 -9.59
N GLY A 231 -4.80 22.26 -10.02
CA GLY A 231 -3.86 21.59 -9.13
C GLY A 231 -2.99 22.57 -8.38
N ARG A 232 -2.79 22.30 -7.09
CA ARG A 232 -1.89 23.09 -6.23
C ARG A 232 -1.16 22.08 -5.34
N GLY A 233 0.04 21.66 -5.78
CA GLY A 233 0.71 20.56 -5.11
C GLY A 233 0.19 19.20 -5.53
N PHE A 234 -0.75 19.17 -6.46
CA PHE A 234 -1.26 17.94 -7.05
C PHE A 234 -1.69 18.27 -8.46
N SER A 235 -1.73 17.26 -9.30
CA SER A 235 -2.18 17.41 -10.68
C SER A 235 -3.70 17.49 -10.76
N ALA A 236 -4.20 18.24 -11.75
CA ALA A 236 -5.65 18.24 -11.99
C ALA A 236 -6.17 16.85 -12.36
N ASP A 237 -5.30 15.90 -12.66
CA ASP A 237 -5.70 14.53 -12.95
C ASP A 237 -5.55 13.58 -11.77
N ASN A 238 -4.97 14.04 -10.67
CA ASN A 238 -5.04 13.31 -9.42
C ASN A 238 -6.51 13.19 -8.99
N PRO A 239 -6.98 12.01 -8.59
CA PRO A 239 -8.36 11.93 -8.07
C PRO A 239 -8.70 12.94 -6.99
N TYR A 240 -7.73 13.34 -6.16
CA TYR A 240 -7.95 14.37 -5.15
C TYR A 240 -8.54 15.65 -5.74
N ALA A 241 -8.19 15.96 -7.00
CA ALA A 241 -8.66 17.17 -7.66
C ALA A 241 -10.14 17.14 -8.00
N TYR A 242 -10.79 15.98 -7.88
CA TYR A 242 -12.19 15.85 -8.27
C TYR A 242 -13.17 16.32 -7.18
N GLN A 243 -12.70 16.92 -6.09
CA GLN A 243 -13.55 17.36 -5.00
C GLN A 243 -13.22 18.80 -4.64
N TYR A 244 -14.25 19.53 -4.22
CA TYR A 244 -14.04 20.77 -3.47
C TYR A 244 -13.65 20.42 -2.04
N HIS A 245 -12.46 20.84 -1.60
CA HIS A 245 -11.95 20.43 -0.30
C HIS A 245 -12.44 21.42 0.74
N TYR A 246 -13.70 21.21 1.11
CA TYR A 246 -14.38 22.03 2.10
C TYR A 246 -14.34 21.43 3.48
N PHE A 247 -14.23 20.11 3.61
CA PHE A 247 -14.43 19.48 4.90
C PHE A 247 -13.25 18.68 5.43
N ASN A 248 -12.34 18.24 4.57
CA ASN A 248 -11.18 17.52 5.10
C ASN A 248 -10.11 18.44 5.64
N ASN A 249 -10.19 19.76 5.38
CA ASN A 249 -9.22 20.74 5.90
C ASN A 249 -9.88 22.11 5.96
N THR A 250 -9.10 23.11 6.35
CA THR A 250 -9.46 24.53 6.37
C THR A 250 -10.78 24.73 7.12
N GLN A 251 -10.77 24.35 8.34
CA GLN A 251 -12.00 24.50 9.15
C GLN A 251 -11.95 25.78 10.01
N PRO A 252 -13.12 26.35 10.32
CA PRO A 252 -13.15 27.58 11.14
C PRO A 252 -12.41 27.47 12.45
N GLU A 253 -12.46 26.30 13.09
CA GLU A 253 -11.85 26.14 14.40
C GLU A 253 -10.33 26.35 14.38
N ASN A 254 -9.72 26.35 13.20
CA ASN A 254 -8.28 26.61 13.17
C ASN A 254 -7.97 28.05 13.57
N LEU A 255 -8.93 28.98 13.41
CA LEU A 255 -8.58 30.38 13.67
C LEU A 255 -8.24 30.66 15.13
N PRO A 256 -9.07 30.26 16.12
CA PRO A 256 -8.60 30.42 17.51
C PRO A 256 -7.35 29.64 17.81
N PHE A 257 -7.10 28.50 17.13
CA PHE A 257 -5.85 27.81 17.41
C PHE A 257 -4.63 28.61 16.95
N LEU A 258 -4.70 29.22 15.76
CA LEU A 258 -3.64 30.12 15.31
C LEU A 258 -3.41 31.22 16.35
N GLU A 259 -4.51 31.72 16.95
CA GLU A 259 -4.37 32.76 17.95
C GLU A 259 -3.66 32.26 19.20
N ARG A 260 -3.85 30.98 19.55
CA ARG A 260 -3.05 30.38 20.61
C ARG A 260 -1.59 30.30 20.19
N LEU A 261 -1.35 29.82 18.96
CA LEU A 261 0.02 29.71 18.49
C LEU A 261 0.71 31.06 18.54
N ARG A 262 0.04 32.11 18.03
CA ARG A 262 0.64 33.43 18.03
C ARG A 262 0.90 33.92 19.45
N GLY A 263 -0.02 33.65 20.38
CA GLY A 263 0.21 34.07 21.75
C GLY A 263 1.49 33.47 22.29
N LEU A 264 1.69 32.18 22.02
CA LEU A 264 2.94 31.54 22.41
C LEU A 264 4.14 32.25 21.77
N LEU A 265 4.05 32.54 20.45
CA LEU A 265 5.21 33.14 19.79
C LEU A 265 5.47 34.53 20.35
N ASP A 266 4.40 35.24 20.76
CA ASP A 266 4.58 36.58 21.31
C ASP A 266 5.45 36.54 22.57
N SER A 267 5.50 35.41 23.26
CA SER A 267 6.31 35.35 24.48
C SER A 267 7.80 35.27 24.19
N TYR A 268 8.18 35.17 22.92
CA TYR A 268 9.58 35.04 22.50
C TYR A 268 9.78 36.11 21.43
N PRO A 269 10.01 37.37 21.85
CA PRO A 269 10.07 38.47 20.87
C PRO A 269 11.04 38.17 19.75
N GLY A 270 10.62 38.50 18.52
CA GLY A 270 11.41 38.25 17.33
C GLY A 270 11.12 36.93 16.64
N ALA A 271 10.42 36.00 17.29
CA ALA A 271 10.12 34.73 16.66
C ALA A 271 9.02 34.89 15.62
N VAL A 272 9.19 34.23 14.49
CA VAL A 272 8.27 34.48 13.38
C VAL A 272 7.61 33.16 12.98
N SER A 273 6.42 33.29 12.42
CA SER A 273 5.67 32.17 11.86
C SER A 273 5.42 32.40 10.37
N LEU A 274 5.67 31.34 9.58
CA LEU A 274 5.43 31.33 8.14
C LEU A 274 4.60 30.09 7.84
N GLY A 275 3.33 30.25 7.50
CA GLY A 275 2.48 29.10 7.22
C GLY A 275 2.58 28.64 5.77
N GLU A 276 2.61 27.32 5.59
CA GLU A 276 2.40 26.73 4.26
C GLU A 276 0.91 26.53 4.09
N ILE A 277 0.30 27.25 3.16
CA ILE A 277 -1.15 27.33 3.04
C ILE A 277 -1.57 26.96 1.62
N SER A 278 -2.33 25.88 1.49
CA SER A 278 -2.85 25.44 0.20
C SER A 278 -4.30 24.99 0.44
N SER A 279 -5.26 25.72 -0.10
CA SER A 279 -6.69 25.45 0.13
C SER A 279 -7.46 25.68 -1.16
N GLU A 280 -8.80 25.56 -1.09
CA GLU A 280 -9.62 25.85 -2.26
C GLU A 280 -9.40 27.28 -2.77
N ASP A 281 -9.19 28.25 -1.89
CA ASP A 281 -8.87 29.62 -2.28
C ASP A 281 -7.67 30.01 -1.43
N SER A 282 -6.48 29.67 -1.93
CA SER A 282 -5.31 29.78 -1.09
C SER A 282 -5.05 31.22 -0.68
N LEU A 283 -5.29 32.18 -1.59
CA LEU A 283 -5.01 33.57 -1.23
C LEU A 283 -5.96 34.08 -0.14
N ALA A 284 -7.24 33.74 -0.26
CA ALA A 284 -8.22 34.13 0.75
C ALA A 284 -7.90 33.52 2.11
N THR A 285 -7.50 32.25 2.11
CA THR A 285 -7.11 31.61 3.37
C THR A 285 -5.84 32.22 3.94
N THR A 286 -4.90 32.60 3.06
CA THR A 286 -3.70 33.26 3.56
C THR A 286 -4.05 34.57 4.24
N ALA A 287 -4.96 35.35 3.65
CA ALA A 287 -5.39 36.59 4.26
C ALA A 287 -6.00 36.37 5.63
N GLU A 288 -6.88 35.37 5.73
CA GLU A 288 -7.51 35.08 7.01
C GLU A 288 -6.47 34.62 8.04
N TYR A 289 -5.53 33.75 7.62
CA TYR A 289 -4.55 33.20 8.55
C TYR A 289 -3.48 34.20 8.97
N THR A 290 -3.33 35.30 8.25
CA THR A 290 -2.33 36.30 8.61
C THR A 290 -2.98 37.57 9.12
N ALA A 291 -4.29 37.54 9.40
CA ALA A 291 -4.93 38.68 10.02
C ALA A 291 -4.26 38.96 11.37
N GLN A 292 -4.54 40.15 11.91
CA GLN A 292 -3.83 40.57 13.10
C GLN A 292 -4.00 39.52 14.20
N GLY A 293 -2.89 39.18 14.85
CA GLY A 293 -2.93 38.27 15.97
C GLY A 293 -2.89 36.80 15.60
N ARG A 294 -2.65 36.49 14.34
CA ARG A 294 -2.55 35.10 13.90
C ARG A 294 -1.16 34.86 13.33
N LEU A 295 -1.05 34.22 12.18
CA LEU A 295 0.28 33.99 11.64
C LEU A 295 0.89 35.30 11.12
N HIS A 296 2.23 35.36 11.17
CA HIS A 296 2.91 36.54 10.66
C HIS A 296 2.91 36.58 9.13
N MET A 297 3.20 35.44 8.50
CA MET A 297 3.16 35.38 7.04
C MET A 297 2.68 34.00 6.62
N GLY A 298 2.34 33.90 5.35
CA GLY A 298 2.07 32.62 4.73
C GLY A 298 2.57 32.61 3.29
N TYR A 299 2.91 31.43 2.79
CA TYR A 299 3.14 31.25 1.38
C TYR A 299 2.20 30.18 0.83
N SER A 300 1.96 30.24 -0.48
CA SER A 300 1.08 29.27 -1.12
C SER A 300 1.71 28.75 -2.39
N PHE A 301 0.97 27.95 -3.16
CA PHE A 301 1.46 27.37 -4.41
C PHE A 301 1.19 28.25 -5.62
N GLU A 302 0.71 29.50 -5.41
CA GLU A 302 0.23 30.30 -6.54
C GLU A 302 1.36 30.67 -7.51
N LEU A 303 2.59 30.85 -7.02
CA LEU A 303 3.74 31.08 -7.90
C LEU A 303 4.63 29.83 -8.01
N LEU A 304 4.09 28.67 -7.64
CA LEU A 304 4.82 27.41 -7.69
C LEU A 304 4.29 26.48 -8.77
N VAL A 305 3.45 26.98 -9.68
CA VAL A 305 2.82 26.12 -10.68
C VAL A 305 3.20 26.51 -12.09
N GLN A 306 2.52 25.92 -13.09
CA GLN A 306 2.91 26.09 -14.49
C GLN A 306 2.67 27.51 -15.01
N ASP A 307 1.63 28.17 -14.50
CA ASP A 307 1.24 29.51 -14.97
C ASP A 307 2.40 30.48 -14.89
N TYR A 308 2.79 31.03 -16.05
CA TYR A 308 3.91 31.95 -16.11
C TYR A 308 3.65 32.96 -17.22
N SER A 309 3.32 34.18 -16.85
CA SER A 309 3.04 35.27 -17.77
C SER A 309 2.96 36.55 -16.97
N ALA A 310 3.14 37.68 -17.65
CA ALA A 310 2.99 38.97 -16.97
C ALA A 310 1.57 39.13 -16.43
N ALA A 311 0.57 38.74 -17.22
CA ALA A 311 -0.80 38.81 -16.75
C ALA A 311 -0.99 37.97 -15.49
N TYR A 312 -0.48 36.73 -15.49
CA TYR A 312 -0.73 35.87 -14.34
C TYR A 312 -0.05 36.40 -13.07
N ILE A 313 1.22 36.77 -13.16
CA ILE A 313 1.93 37.27 -11.99
C ILE A 313 1.27 38.56 -11.48
N ARG A 314 0.96 39.46 -12.40
CA ARG A 314 0.31 40.71 -12.01
C ARG A 314 -1.03 40.45 -11.33
N ASP A 315 -1.88 39.60 -11.93
CA ASP A 315 -3.19 39.32 -11.35
C ASP A 315 -3.06 38.62 -10.00
N THR A 316 -2.15 37.66 -9.86
CA THR A 316 -1.99 36.94 -8.61
C THR A 316 -1.54 37.88 -7.49
N VAL A 317 -0.46 38.62 -7.71
CA VAL A 317 0.05 39.50 -6.66
C VAL A 317 -0.96 40.60 -6.34
N SER A 318 -1.66 41.11 -7.37
CA SER A 318 -2.66 42.14 -7.13
C SER A 318 -3.82 41.62 -6.30
N ARG A 319 -4.29 40.39 -6.61
CA ARG A 319 -5.41 39.84 -5.84
C ARG A 319 -5.01 39.60 -4.40
N LEU A 320 -3.78 39.13 -4.16
CA LEU A 320 -3.34 38.97 -2.77
C LEU A 320 -3.25 40.31 -2.07
N GLU A 321 -2.70 41.33 -2.74
CA GLU A 321 -2.55 42.65 -2.13
C GLU A 321 -3.91 43.24 -1.79
N ALA A 322 -4.89 43.07 -2.66
CA ALA A 322 -6.24 43.58 -2.39
C ALA A 322 -6.92 42.77 -1.28
N THR A 323 -6.62 41.47 -1.18
CA THR A 323 -7.31 40.62 -0.23
C THR A 323 -6.68 40.64 1.16
N MET A 324 -5.36 40.65 1.19
CA MET A 324 -4.62 40.57 2.44
C MET A 324 -4.31 41.97 2.94
N LEU A 325 -5.02 42.42 3.97
CA LEU A 325 -4.66 43.74 4.52
C LEU A 325 -3.60 43.61 5.62
N GLU A 326 -3.92 42.94 6.72
CA GLU A 326 -2.99 43.10 7.83
C GLU A 326 -1.79 42.17 7.77
N GLY A 327 -1.78 41.17 6.89
CA GLY A 327 -0.66 40.25 6.88
C GLY A 327 0.47 40.74 6.00
N TRP A 328 1.62 40.09 6.16
CA TRP A 328 2.78 40.40 5.34
C TRP A 328 3.00 39.25 4.37
N PRO A 329 3.06 39.51 3.07
CA PRO A 329 3.15 38.42 2.10
C PRO A 329 4.52 37.75 2.14
N CYS A 330 4.51 36.50 1.68
CA CYS A 330 5.73 35.74 1.47
C CYS A 330 5.60 34.99 0.15
N TRP A 331 6.59 35.15 -0.71
CA TRP A 331 6.55 34.57 -2.05
C TRP A 331 7.69 33.59 -2.23
N ALA A 332 7.41 32.56 -3.03
CA ALA A 332 8.40 31.57 -3.41
C ALA A 332 8.07 31.12 -4.83
N ILE A 333 9.11 30.79 -5.59
CA ILE A 333 8.92 30.23 -6.92
C ILE A 333 9.48 28.81 -7.04
N SER A 334 10.20 28.31 -6.03
CA SER A 334 10.71 26.94 -6.02
C SER A 334 10.78 26.45 -4.58
N ASN A 335 10.58 25.15 -4.40
CA ASN A 335 10.80 24.54 -3.10
C ASN A 335 10.92 23.04 -3.31
N HIS A 336 10.95 22.31 -2.20
CA HIS A 336 11.18 20.86 -2.28
C HIS A 336 9.96 20.09 -2.82
N ASP A 337 8.86 20.75 -3.21
CA ASP A 337 7.67 20.02 -3.66
C ASP A 337 7.34 20.19 -5.14
N VAL A 338 8.04 21.08 -5.85
CA VAL A 338 7.69 21.43 -7.22
C VAL A 338 8.93 21.36 -8.10
N VAL A 339 8.69 21.32 -9.41
CA VAL A 339 9.79 21.39 -10.35
C VAL A 339 10.49 22.74 -10.21
N ARG A 340 11.82 22.71 -10.20
CA ARG A 340 12.61 23.94 -10.08
C ARG A 340 12.18 24.98 -11.12
N ALA A 341 12.02 26.23 -10.66
CA ALA A 341 11.40 27.27 -11.49
C ALA A 341 12.16 27.52 -12.77
N VAL A 342 13.48 27.36 -12.72
CA VAL A 342 14.29 27.52 -13.93
C VAL A 342 13.73 26.65 -15.06
N THR A 343 13.46 25.37 -14.75
CA THR A 343 12.85 24.46 -15.72
C THR A 343 11.33 24.67 -15.83
N ARG A 344 10.64 24.78 -14.69
CA ARG A 344 9.17 24.83 -14.72
C ARG A 344 8.67 26.03 -15.51
N TRP A 345 9.34 27.17 -15.40
CA TRP A 345 8.97 28.39 -16.11
C TRP A 345 9.82 28.68 -17.33
N GLY A 346 11.10 28.33 -17.32
CA GLY A 346 11.99 28.67 -18.42
C GLY A 346 12.04 27.62 -19.52
N GLY A 347 11.71 26.38 -19.20
CA GLY A 347 11.68 25.33 -20.21
C GLY A 347 12.91 24.46 -20.19
N ALA A 348 13.00 23.62 -21.22
CA ALA A 348 14.09 22.65 -21.29
C ALA A 348 15.42 23.33 -21.56
N GLN A 349 15.42 24.48 -22.24
CA GLN A 349 16.66 25.15 -22.58
C GLN A 349 16.72 26.54 -21.96
N ALA A 350 16.22 26.68 -20.73
CA ALA A 350 16.27 27.97 -20.04
C ALA A 350 17.71 28.42 -19.88
N THR A 351 17.98 29.69 -20.23
CA THR A 351 19.32 30.28 -20.19
C THR A 351 19.65 30.80 -18.78
N PRO A 352 20.94 30.88 -18.44
CA PRO A 352 21.33 31.54 -17.17
C PRO A 352 20.80 32.97 -17.03
N ALA A 353 20.63 33.68 -18.15
CA ALA A 353 20.01 35.00 -18.11
C ALA A 353 18.61 34.90 -17.50
N PHE A 354 17.88 33.85 -17.85
CA PHE A 354 16.55 33.65 -17.30
C PHE A 354 16.60 33.37 -15.81
N ALA A 355 17.57 32.55 -15.38
CA ALA A 355 17.68 32.23 -13.96
C ALA A 355 17.93 33.48 -13.13
N ARG A 356 18.89 34.31 -13.56
CA ARG A 356 19.19 35.54 -12.84
C ARG A 356 18.00 36.50 -12.86
N MET A 357 17.30 36.56 -14.00
CA MET A 357 16.15 37.44 -14.10
C MET A 357 15.04 37.01 -13.14
N VAL A 358 14.75 35.71 -13.08
CA VAL A 358 13.59 35.27 -12.29
C VAL A 358 13.89 35.42 -10.80
N VAL A 359 15.15 35.23 -10.37
CA VAL A 359 15.45 35.49 -8.97
C VAL A 359 15.29 36.97 -8.63
N ALA A 360 15.75 37.87 -9.50
CA ALA A 360 15.56 39.31 -9.24
C ALA A 360 14.07 39.66 -9.27
N LEU A 361 13.33 39.07 -10.21
CA LEU A 361 11.89 39.28 -10.29
C LEU A 361 11.22 38.88 -8.99
N LEU A 362 11.62 37.72 -8.43
CA LEU A 362 11.02 37.25 -7.19
C LEU A 362 11.32 38.20 -6.05
N CYS A 363 12.58 38.61 -5.90
CA CYS A 363 12.99 39.47 -4.80
C CYS A 363 12.58 40.93 -4.99
N SER A 364 11.97 41.28 -6.12
CA SER A 364 11.45 42.63 -6.30
C SER A 364 9.95 42.74 -6.03
N LEU A 365 9.27 41.63 -5.77
CA LEU A 365 7.89 41.68 -5.32
C LEU A 365 7.82 42.08 -3.85
N ARG A 366 6.67 42.60 -3.45
CA ARG A 366 6.47 42.97 -2.07
C ARG A 366 6.28 41.73 -1.22
N GLY A 367 7.12 41.58 -0.19
CA GLY A 367 7.00 40.48 0.74
C GLY A 367 8.31 39.83 1.09
N SER A 368 8.29 38.97 2.09
CA SER A 368 9.46 38.14 2.34
C SER A 368 9.56 37.08 1.25
N ILE A 369 10.75 36.51 1.11
CA ILE A 369 11.10 35.67 -0.03
C ILE A 369 11.69 34.36 0.47
N CYS A 370 11.18 33.25 -0.08
CA CYS A 370 11.79 31.93 0.11
C CYS A 370 12.59 31.59 -1.14
N LEU A 371 13.87 31.30 -0.94
CA LEU A 371 14.81 30.96 -2.01
C LEU A 371 15.28 29.54 -1.77
N TYR A 372 14.97 28.65 -2.72
CA TYR A 372 15.28 27.24 -2.55
C TYR A 372 16.74 26.98 -2.91
N GLN A 373 17.40 26.11 -2.14
CA GLN A 373 18.80 25.77 -2.38
C GLN A 373 19.02 25.41 -3.85
N GLY A 374 19.96 26.11 -4.49
CA GLY A 374 20.25 25.89 -5.89
C GLY A 374 19.69 26.96 -6.80
N GLU A 375 18.69 27.71 -6.35
CA GLU A 375 18.21 28.80 -7.20
C GLU A 375 19.30 29.84 -7.38
N GLU A 376 20.16 30.00 -6.38
CA GLU A 376 21.29 30.92 -6.51
C GLU A 376 22.30 30.43 -7.53
N LEU A 377 22.26 29.14 -7.89
CA LEU A 377 23.09 28.58 -8.96
C LEU A 377 22.36 28.48 -10.28
N GLY A 378 21.06 28.79 -10.31
CA GLY A 378 20.28 28.65 -11.53
C GLY A 378 20.03 27.23 -11.99
N LEU A 379 19.99 26.26 -11.06
CA LEU A 379 19.93 24.84 -11.40
C LEU A 379 18.62 24.46 -12.08
N SER A 380 18.72 23.54 -13.05
CA SER A 380 17.57 22.97 -13.73
C SER A 380 17.01 21.78 -12.96
N GLU A 381 15.77 21.41 -13.29
CA GLU A 381 15.18 20.18 -12.73
C GLU A 381 16.01 18.98 -13.17
N ALA A 382 16.22 18.05 -12.25
CA ALA A 382 16.88 16.80 -12.61
C ALA A 382 15.89 15.83 -13.26
N GLU A 383 16.44 14.90 -14.04
CA GLU A 383 15.71 13.77 -14.61
C GLU A 383 16.04 12.56 -13.78
N VAL A 384 15.06 12.06 -13.03
CA VAL A 384 15.28 10.92 -12.15
C VAL A 384 14.72 9.70 -12.85
N ALA A 385 15.56 8.69 -13.04
CA ALA A 385 15.13 7.46 -13.67
C ALA A 385 14.23 6.68 -12.73
N PHE A 386 13.37 5.86 -13.32
CA PHE A 386 12.40 5.09 -12.55
C PHE A 386 13.06 4.28 -11.44
N GLU A 387 14.22 3.67 -11.74
CA GLU A 387 14.84 2.81 -10.76
C GLU A 387 15.44 3.58 -9.58
N ASP A 388 15.60 4.90 -9.70
CA ASP A 388 16.13 5.73 -8.64
C ASP A 388 15.05 6.41 -7.80
N LEU A 389 13.79 6.24 -8.17
CA LEU A 389 12.70 6.96 -7.52
C LEU A 389 12.68 6.69 -6.02
N GLN A 390 12.54 7.77 -5.22
CA GLN A 390 12.45 7.64 -3.77
C GLN A 390 11.10 8.07 -3.22
N ASP A 391 10.56 9.12 -3.79
CA ASP A 391 9.35 9.78 -3.26
C ASP A 391 8.13 8.88 -3.46
N PRO A 392 7.41 8.47 -2.40
CA PRO A 392 6.22 7.63 -2.61
C PRO A 392 5.19 8.27 -3.50
N TYR A 393 5.06 9.61 -3.47
CA TYR A 393 4.11 10.32 -4.33
C TYR A 393 4.39 10.02 -5.81
N GLY A 394 5.67 10.02 -6.19
CA GLY A 394 6.02 9.71 -7.56
C GLY A 394 5.89 8.23 -7.87
N ILE A 395 6.22 7.36 -6.92
CA ILE A 395 6.05 5.93 -7.17
C ILE A 395 4.59 5.61 -7.45
N THR A 396 3.69 6.23 -6.68
CA THR A 396 2.25 5.99 -6.84
C THR A 396 1.73 6.49 -8.18
N PHE A 397 2.20 7.63 -8.65
CA PHE A 397 1.57 8.17 -9.85
C PHE A 397 2.43 8.04 -11.10
N TRP A 398 3.55 7.33 -11.03
CA TRP A 398 4.37 7.14 -12.22
C TRP A 398 3.54 6.48 -13.32
N PRO A 399 3.65 6.94 -14.58
CA PRO A 399 4.56 7.94 -15.14
C PRO A 399 3.94 9.31 -15.39
N THR A 400 2.63 9.47 -15.15
CA THR A 400 2.00 10.74 -15.51
C THR A 400 2.37 11.85 -14.52
N PHE A 401 2.65 11.51 -13.27
CA PHE A 401 3.27 12.44 -12.32
C PHE A 401 4.45 11.73 -11.70
N LYS A 402 5.64 12.32 -11.82
CA LYS A 402 6.83 11.58 -11.44
C LYS A 402 7.31 11.88 -10.04
N GLY A 403 6.56 12.67 -9.26
CA GLY A 403 6.93 12.92 -7.91
C GLY A 403 7.94 14.05 -7.79
N ARG A 404 8.53 14.15 -6.62
CA ARG A 404 9.28 15.34 -6.23
C ARG A 404 10.78 15.10 -6.19
N ASP A 405 11.26 13.93 -6.63
CA ASP A 405 12.69 13.68 -6.54
C ASP A 405 13.50 14.62 -7.44
N GLY A 406 12.89 15.12 -8.51
CA GLY A 406 13.63 15.95 -9.47
C GLY A 406 14.16 17.25 -8.90
N CYS A 407 13.55 17.77 -7.82
CA CYS A 407 14.10 18.97 -7.19
C CYS A 407 14.86 18.67 -5.91
N ARG A 408 15.08 17.40 -5.59
CA ARG A 408 15.73 16.98 -4.36
C ARG A 408 17.08 16.32 -4.62
N THR A 409 17.61 16.43 -5.83
CA THR A 409 18.92 15.85 -6.07
C THR A 409 19.98 16.72 -5.40
N PRO A 410 21.16 16.15 -5.14
CA PRO A 410 22.13 16.83 -4.26
C PRO A 410 22.69 18.14 -4.80
N MET A 411 23.04 19.02 -3.85
CA MET A 411 23.69 20.28 -4.14
C MET A 411 25.04 20.04 -4.82
N PRO A 412 25.33 20.71 -5.90
CA PRO A 412 26.65 20.54 -6.54
C PRO A 412 27.73 21.50 -6.03
N TRP A 413 28.60 21.03 -5.15
CA TRP A 413 29.63 21.90 -4.59
C TRP A 413 30.82 22.04 -5.53
N THR A 414 31.22 20.94 -6.17
CA THR A 414 32.32 20.89 -7.12
C THR A 414 31.87 20.12 -8.37
N ASP A 415 32.76 20.02 -9.36
CA ASP A 415 32.39 19.33 -10.59
C ASP A 415 32.90 17.89 -10.66
N ALA A 416 33.37 17.36 -9.54
CA ALA A 416 33.75 15.97 -9.45
C ALA A 416 32.53 15.07 -9.62
N PRO A 417 32.74 13.80 -9.95
CA PRO A 417 31.59 12.87 -10.06
C PRO A 417 30.63 12.95 -8.88
N SER A 418 31.14 13.02 -7.66
CA SER A 418 30.32 13.15 -6.46
C SER A 418 29.98 14.59 -6.11
N ALA A 419 30.52 15.55 -6.86
CA ALA A 419 30.22 16.98 -6.76
C ALA A 419 30.57 17.56 -5.41
N GLY A 420 31.42 16.87 -4.65
CA GLY A 420 31.76 17.30 -3.31
C GLY A 420 30.62 17.17 -2.32
N PHE A 421 29.48 16.64 -2.77
CA PHE A 421 28.33 16.47 -1.88
C PHE A 421 28.53 15.31 -0.93
N THR A 422 29.19 14.25 -1.38
CA THR A 422 29.35 13.03 -0.60
C THR A 422 30.63 12.33 -1.04
N SER A 423 31.21 11.61 -0.11
CA SER A 423 32.32 10.72 -0.40
C SER A 423 31.84 9.32 -0.72
N GLY A 424 30.53 9.07 -0.70
CA GLY A 424 30.01 7.75 -1.00
C GLY A 424 29.11 7.78 -2.21
N LYS A 425 27.97 7.09 -2.15
CA LYS A 425 26.99 7.10 -3.23
C LYS A 425 25.80 7.94 -2.79
N PRO A 426 25.48 9.00 -3.51
CA PRO A 426 24.36 9.88 -3.08
C PRO A 426 23.03 9.14 -3.09
N TRP A 427 22.14 9.54 -2.16
CA TRP A 427 20.86 8.87 -2.05
C TRP A 427 19.97 9.08 -3.28
N LEU A 428 20.19 10.15 -4.01
CA LEU A 428 19.63 10.44 -5.32
C LEU A 428 20.81 10.86 -6.18
N PRO A 429 20.83 10.46 -7.45
CA PRO A 429 22.02 10.78 -8.26
C PRO A 429 22.08 12.25 -8.63
N LEU A 430 23.32 12.74 -8.78
CA LEU A 430 23.52 14.13 -9.18
C LEU A 430 23.04 14.33 -10.61
N ALA A 431 22.37 15.44 -10.87
CA ALA A 431 22.14 15.77 -12.28
C ALA A 431 23.49 16.11 -12.92
N ALA A 432 23.70 15.65 -14.15
CA ALA A 432 24.97 15.98 -14.83
C ALA A 432 25.05 17.45 -15.14
N SER A 433 23.90 18.05 -15.50
CA SER A 433 23.72 19.49 -15.67
C SER A 433 24.27 20.28 -14.49
N HIS A 434 24.20 19.70 -13.29
CA HIS A 434 24.49 20.41 -12.05
C HIS A 434 25.98 20.50 -11.76
N ARG A 435 26.75 19.45 -12.06
CA ARG A 435 28.17 19.55 -11.76
C ARG A 435 28.89 20.48 -12.74
N ALA A 436 28.34 20.69 -13.93
CA ALA A 436 28.89 21.73 -14.80
C ALA A 436 28.59 23.13 -14.29
N ALA A 437 27.65 23.27 -13.37
CA ALA A 437 27.29 24.57 -12.80
C ALA A 437 27.51 24.57 -11.29
N ALA A 438 28.52 23.82 -10.84
CA ALA A 438 28.76 23.67 -9.42
C ALA A 438 29.18 24.99 -8.78
N VAL A 439 29.13 25.00 -7.44
CA VAL A 439 29.53 26.19 -6.69
C VAL A 439 30.97 26.55 -7.00
N SER A 440 31.87 25.56 -6.88
CA SER A 440 33.30 25.76 -7.17
C SER A 440 33.53 26.31 -8.57
N VAL A 441 32.66 26.00 -9.53
CA VAL A 441 32.80 26.52 -10.90
C VAL A 441 32.30 27.97 -10.98
N GLN A 442 31.13 28.26 -10.40
CA GLN A 442 30.51 29.58 -10.53
C GLN A 442 31.19 30.64 -9.69
N GLN A 443 31.84 30.20 -8.63
CA GLN A 443 32.70 30.95 -7.73
C GLN A 443 33.91 31.58 -8.39
N ASP A 444 34.26 31.16 -9.60
CA ASP A 444 35.36 31.72 -10.37
C ASP A 444 34.88 32.59 -11.52
N ASP A 445 33.93 32.11 -12.32
CA ASP A 445 33.44 32.86 -13.47
C ASP A 445 32.59 34.01 -12.97
N ALA A 446 33.09 35.24 -13.16
CA ALA A 446 32.43 36.43 -12.63
C ALA A 446 31.15 36.79 -13.38
N HIS A 447 30.80 36.06 -14.44
CA HIS A 447 29.53 36.21 -15.13
C HIS A 447 28.55 35.09 -14.81
N SER A 448 28.81 34.32 -13.76
CA SER A 448 27.96 33.18 -13.41
C SER A 448 26.65 33.66 -12.77
N VAL A 449 25.71 32.72 -12.62
CA VAL A 449 24.45 33.04 -11.96
C VAL A 449 24.67 33.36 -10.48
N LEU A 450 25.57 32.62 -9.83
CA LEU A 450 25.79 32.78 -8.41
C LEU A 450 26.31 34.18 -8.06
N ARG A 451 27.32 34.66 -8.80
CA ARG A 451 27.88 35.97 -8.52
C ARG A 451 26.86 37.06 -8.80
N ALA A 452 26.03 36.85 -9.83
CA ALA A 452 24.97 37.80 -10.14
C ALA A 452 23.91 37.84 -9.05
N VAL A 453 23.60 36.69 -8.45
CA VAL A 453 22.60 36.66 -7.39
C VAL A 453 23.14 37.36 -6.15
N ARG A 454 24.41 37.11 -5.81
CA ARG A 454 25.00 37.82 -4.67
C ARG A 454 25.00 39.33 -4.90
N ALA A 455 25.32 39.75 -6.13
CA ALA A 455 25.35 41.17 -6.42
C ALA A 455 23.97 41.78 -6.31
N PHE A 456 22.95 41.08 -6.82
CA PHE A 456 21.59 41.58 -6.72
C PHE A 456 21.14 41.67 -5.27
N LEU A 457 21.45 40.67 -4.46
CA LEU A 457 20.99 40.68 -3.06
C LEU A 457 21.65 41.80 -2.27
N ALA A 458 22.97 41.99 -2.46
CA ALA A 458 23.66 43.10 -1.81
C ALA A 458 23.15 44.45 -2.31
N TRP A 459 22.79 44.54 -3.59
CA TRP A 459 22.18 45.75 -4.11
C TRP A 459 20.81 45.99 -3.49
N ARG A 460 20.04 44.92 -3.30
CA ARG A 460 18.70 45.02 -2.73
C ARG A 460 18.75 45.44 -1.26
N LYS A 461 19.79 45.00 -0.54
CA LYS A 461 19.97 45.41 0.86
C LYS A 461 19.95 46.92 1.02
N GLU A 462 20.42 47.66 0.01
CA GLU A 462 20.45 49.13 0.06
C GLU A 462 19.24 49.79 -0.59
N MET A 463 18.22 49.05 -0.95
CA MET A 463 17.02 49.64 -1.55
C MET A 463 15.83 49.39 -0.64
N PRO A 464 15.48 50.34 0.23
CA PRO A 464 14.34 50.11 1.14
C PRO A 464 13.01 49.96 0.43
N ALA A 465 12.86 50.49 -0.79
CA ALA A 465 11.59 50.32 -1.48
C ALA A 465 11.38 48.89 -1.94
N LEU A 466 12.45 48.15 -2.22
CA LEU A 466 12.32 46.75 -2.58
C LEU A 466 12.12 45.88 -1.34
N ARG A 467 12.66 46.29 -0.19
CA ARG A 467 12.55 45.44 1.00
C ARG A 467 11.24 45.66 1.73
N GLU A 468 10.80 46.91 1.93
CA GLU A 468 9.60 47.19 2.71
C GLU A 468 8.49 47.88 1.92
N GLY A 469 8.77 48.34 0.71
CA GLY A 469 7.87 49.27 0.07
C GLY A 469 6.58 48.65 -0.40
N SER A 470 5.60 49.52 -0.68
CA SER A 470 4.39 49.09 -1.33
C SER A 470 4.67 48.74 -2.78
N ILE A 471 3.66 48.18 -3.45
CA ILE A 471 3.76 47.74 -4.83
C ILE A 471 2.50 48.17 -5.58
N ALA A 472 2.68 48.49 -6.85
CA ALA A 472 1.55 48.83 -7.71
C ALA A 472 1.90 48.47 -9.14
N PHE A 473 1.00 47.76 -9.82
CA PHE A 473 1.30 47.22 -11.14
C PHE A 473 0.73 48.11 -12.23
N TYR A 474 1.43 48.15 -13.37
CA TYR A 474 0.91 48.76 -14.58
C TYR A 474 0.25 47.71 -15.45
N ASP A 475 -0.84 48.10 -16.12
CA ASP A 475 -1.54 47.20 -17.02
C ASP A 475 -0.72 47.14 -18.30
N THR A 476 0.22 46.21 -18.34
CA THR A 476 1.10 46.04 -19.49
C THR A 476 0.65 44.86 -20.33
N ALA A 477 0.84 44.98 -21.64
CA ALA A 477 0.60 43.83 -22.49
C ALA A 477 1.80 42.89 -22.41
N GLU A 478 1.59 41.64 -22.81
CA GLU A 478 2.67 40.66 -22.74
C GLU A 478 3.84 41.10 -23.62
N PRO A 479 5.07 40.71 -23.28
CA PRO A 479 5.51 39.89 -22.15
C PRO A 479 6.18 40.66 -21.02
N VAL A 480 5.86 41.94 -20.86
CA VAL A 480 6.56 42.79 -19.89
C VAL A 480 5.74 42.88 -18.61
N LEU A 481 6.39 42.67 -17.48
CA LEU A 481 5.80 42.88 -16.17
C LEU A 481 6.41 44.15 -15.58
N MET A 482 5.59 45.17 -15.37
CA MET A 482 6.08 46.46 -14.92
C MET A 482 5.32 46.92 -13.69
N PHE A 483 6.05 47.37 -12.67
CA PHE A 483 5.40 47.84 -11.45
C PHE A 483 6.31 48.81 -10.71
N ARG A 484 5.72 49.45 -9.71
CA ARG A 484 6.40 50.40 -8.83
C ARG A 484 6.50 49.82 -7.43
N ARG A 485 7.68 49.98 -6.82
CA ARG A 485 7.86 49.81 -5.38
C ARG A 485 8.13 51.16 -4.74
N GLU A 486 7.50 51.43 -3.60
CA GLU A 486 7.64 52.77 -3.01
C GLU A 486 7.79 52.72 -1.50
N HIS A 487 8.81 53.41 -0.99
CA HIS A 487 9.06 53.53 0.44
C HIS A 487 9.82 54.80 0.75
N ALA A 488 9.31 55.56 1.73
CA ALA A 488 10.00 56.73 2.29
C ALA A 488 10.37 57.74 1.21
N GLY A 489 9.35 58.20 0.49
CA GLY A 489 9.55 59.16 -0.58
C GLY A 489 10.23 58.59 -1.81
N GLN A 490 10.99 57.51 -1.64
CA GLN A 490 11.65 56.84 -2.75
C GLN A 490 10.66 56.01 -3.55
N VAL A 491 10.68 56.15 -4.87
CA VAL A 491 9.86 55.32 -5.76
C VAL A 491 10.76 54.71 -6.81
N VAL A 492 10.52 53.44 -7.11
CA VAL A 492 11.38 52.62 -7.97
C VAL A 492 10.51 51.90 -8.98
N LEU A 493 10.67 52.23 -10.25
CA LEU A 493 10.01 51.52 -11.33
C LEU A 493 10.86 50.34 -11.78
N LEU A 494 10.22 49.19 -11.95
CA LEU A 494 10.90 47.99 -12.44
C LEU A 494 10.11 47.42 -13.60
N ALA A 495 10.82 47.01 -14.64
CA ALA A 495 10.23 46.43 -15.84
C ALA A 495 11.03 45.18 -16.20
N PHE A 496 10.35 44.04 -16.24
CA PHE A 496 10.93 42.74 -16.53
C PHE A 496 10.40 42.22 -17.85
N ASN A 497 11.29 41.64 -18.65
CA ASN A 497 10.88 40.95 -19.88
C ASN A 497 10.84 39.46 -19.55
N LEU A 498 9.63 38.90 -19.52
CA LEU A 498 9.50 37.50 -19.16
C LEU A 498 9.80 36.55 -20.31
N SER A 499 9.87 37.07 -21.55
CA SER A 499 10.13 36.27 -22.74
C SER A 499 11.60 36.32 -23.14
N ALA A 500 12.01 35.35 -23.95
CA ALA A 500 13.38 35.30 -24.45
C ALA A 500 13.60 36.19 -25.67
N ASP A 501 12.55 36.72 -26.25
CA ASP A 501 12.57 37.63 -27.39
C ASP A 501 12.61 39.07 -26.92
N PRO A 502 13.15 39.98 -27.73
CA PRO A 502 13.19 41.39 -27.34
C PRO A 502 11.80 42.00 -27.35
N ALA A 503 11.63 43.05 -26.53
CA ALA A 503 10.33 43.69 -26.41
C ALA A 503 10.53 45.18 -26.19
N GLU A 504 9.47 45.93 -26.45
CA GLU A 504 9.50 47.38 -26.37
C GLU A 504 8.15 47.89 -25.88
N LEU A 505 8.18 48.93 -25.05
CA LEU A 505 6.94 49.56 -24.62
C LEU A 505 7.25 50.98 -24.19
N ALA A 506 6.19 51.77 -24.10
CA ALA A 506 6.31 53.17 -23.74
C ALA A 506 6.51 53.29 -22.24
N LEU A 507 7.54 54.02 -21.85
CA LEU A 507 7.77 54.26 -20.43
C LEU A 507 6.55 54.98 -19.86
N PRO A 508 6.15 54.71 -18.62
CA PRO A 508 4.94 55.32 -18.07
C PRO A 508 5.17 56.77 -17.65
N ALA A 509 4.07 57.44 -17.37
CA ALA A 509 4.10 58.86 -17.02
C ALA A 509 5.02 59.11 -15.83
N GLY A 510 5.53 60.33 -15.76
CA GLY A 510 6.41 60.75 -14.69
C GLY A 510 7.83 61.00 -15.18
N GLU A 511 8.64 61.48 -14.26
CA GLU A 511 10.04 61.79 -14.53
C GLU A 511 10.87 60.67 -13.91
N TRP A 512 11.53 59.88 -14.76
CA TRP A 512 12.21 58.66 -14.35
C TRP A 512 13.68 58.69 -14.75
N GLU A 513 14.54 58.15 -13.90
CA GLU A 513 15.97 58.08 -14.16
C GLU A 513 16.50 56.66 -13.97
N GLN A 514 17.18 56.13 -14.99
CA GLN A 514 17.66 54.75 -14.92
C GLN A 514 18.78 54.61 -13.90
N ILE A 515 18.70 53.54 -13.09
CA ILE A 515 19.78 53.11 -12.22
C ILE A 515 20.12 51.68 -12.59
N ASP A 516 21.39 51.33 -12.50
CA ASP A 516 21.80 49.99 -12.88
C ASP A 516 21.42 48.99 -11.80
N VAL A 517 20.86 47.87 -12.23
CA VAL A 517 20.48 46.80 -11.33
C VAL A 517 21.45 45.64 -11.56
N PRO A 518 22.35 45.36 -10.61
CA PRO A 518 23.34 44.30 -10.80
C PRO A 518 22.70 42.94 -10.99
N GLY A 519 23.45 42.06 -11.64
CA GLY A 519 23.14 40.65 -11.72
C GLY A 519 22.27 40.23 -12.88
N VAL A 520 21.53 41.16 -13.48
CA VAL A 520 20.57 40.81 -14.52
C VAL A 520 20.93 41.57 -15.78
N GLU A 521 20.38 41.09 -16.90
CA GLU A 521 20.61 41.76 -18.17
C GLU A 521 20.06 43.17 -18.11
N LEU A 522 20.72 44.09 -18.81
CA LEU A 522 20.39 45.50 -18.71
C LEU A 522 19.65 45.92 -19.97
N GLY A 523 18.44 46.43 -19.79
CA GLY A 523 17.68 46.97 -20.90
C GLY A 523 17.87 48.46 -20.96
N ALA A 524 17.38 49.09 -22.02
CA ALA A 524 17.67 50.50 -22.16
C ALA A 524 16.39 51.30 -22.30
N MET A 525 16.41 52.49 -21.71
CA MET A 525 15.32 53.44 -21.75
C MET A 525 15.86 54.74 -22.31
N ASP A 526 15.15 55.30 -23.28
CA ASP A 526 15.61 56.48 -23.98
C ASP A 526 14.44 57.43 -24.15
N GLY A 527 14.57 58.61 -23.54
CA GLY A 527 13.50 59.58 -23.58
C GLY A 527 12.29 59.00 -22.90
N GLY A 528 11.29 58.65 -23.70
CA GLY A 528 10.12 58.02 -23.16
C GLY A 528 9.84 56.62 -23.66
N HIS A 529 10.86 55.80 -23.94
CA HIS A 529 10.58 54.43 -24.33
C HIS A 529 11.59 53.44 -23.74
N LEU A 530 11.09 52.28 -23.33
CA LEU A 530 11.88 51.21 -22.77
C LEU A 530 11.93 50.07 -23.78
N ARG A 531 13.12 49.52 -23.97
CA ARG A 531 13.35 48.41 -24.88
C ARG A 531 14.27 47.44 -24.16
N LEU A 532 13.82 46.21 -24.00
CA LEU A 532 14.52 45.21 -23.21
C LEU A 532 14.79 44.03 -24.11
N ALA A 533 16.00 43.49 -24.02
CA ALA A 533 16.29 42.22 -24.65
C ALA A 533 15.57 41.10 -23.91
N GLY A 534 15.73 39.87 -24.38
CA GLY A 534 15.16 38.73 -23.70
C GLY A 534 15.65 38.61 -22.26
N HIS A 535 14.72 38.53 -21.32
CA HIS A 535 15.05 38.36 -19.89
C HIS A 535 15.91 39.50 -19.38
N ALA A 536 15.58 40.72 -19.82
CA ALA A 536 16.27 41.92 -19.39
C ALA A 536 15.40 42.68 -18.40
N VAL A 537 16.03 43.59 -17.67
CA VAL A 537 15.38 44.29 -16.56
C VAL A 537 15.81 45.76 -16.61
N VAL A 538 14.84 46.66 -16.52
CA VAL A 538 15.09 48.09 -16.37
C VAL A 538 14.63 48.50 -14.99
N ALA A 539 15.52 49.13 -14.22
CA ALA A 539 15.19 49.67 -12.91
C ALA A 539 15.48 51.16 -12.91
N ALA A 540 14.47 51.97 -12.58
CA ALA A 540 14.60 53.42 -12.56
C ALA A 540 14.08 53.98 -11.25
N VAL A 541 14.53 55.17 -10.92
CA VAL A 541 14.07 55.89 -9.74
C VAL A 541 13.22 57.08 -10.17
N GLY A 542 12.25 57.43 -9.33
CA GLY A 542 11.43 58.57 -9.64
C GLY A 542 11.99 59.89 -9.14
N ARG A 543 12.67 60.61 -10.03
CA ARG A 543 13.22 61.92 -9.70
C ARG A 543 12.18 62.97 -10.08
N GLY A 544 11.48 63.50 -9.08
CA GLY A 544 10.43 64.49 -9.31
C GLY A 544 9.66 64.76 -8.03
N GLN B 9 -18.10 -48.59 -13.67
CA GLN B 9 -16.96 -47.89 -14.24
C GLN B 9 -16.72 -46.61 -13.44
N THR B 10 -16.24 -46.75 -12.22
CA THR B 10 -16.14 -45.57 -11.36
C THR B 10 -14.91 -44.76 -11.73
N PRO B 11 -15.04 -43.44 -11.87
CA PRO B 11 -13.88 -42.62 -12.23
C PRO B 11 -12.85 -42.64 -11.11
N TRP B 12 -11.58 -42.48 -11.49
CA TRP B 12 -10.49 -42.53 -10.51
C TRP B 12 -10.66 -41.47 -9.44
N TRP B 13 -11.27 -40.33 -9.78
CA TRP B 13 -11.35 -39.22 -8.85
C TRP B 13 -12.52 -39.31 -7.90
N ARG B 14 -13.45 -40.25 -8.12
CA ARG B 14 -14.64 -40.39 -7.29
C ARG B 14 -14.27 -41.15 -6.03
N GLY B 15 -14.08 -40.42 -4.93
CA GLY B 15 -13.64 -40.99 -3.68
C GLY B 15 -12.14 -40.99 -3.50
N ALA B 16 -11.39 -40.43 -4.44
CA ALA B 16 -9.94 -40.39 -4.36
C ALA B 16 -9.50 -39.48 -3.22
N VAL B 17 -8.31 -39.77 -2.70
CA VAL B 17 -7.66 -38.95 -1.68
C VAL B 17 -6.54 -38.17 -2.37
N ILE B 18 -6.64 -36.85 -2.30
CA ILE B 18 -5.73 -35.95 -2.99
C ILE B 18 -4.81 -35.34 -1.95
N TYR B 19 -3.52 -35.41 -2.19
CA TYR B 19 -2.50 -34.89 -1.30
C TYR B 19 -2.09 -33.52 -1.83
N GLN B 20 -2.42 -32.46 -1.09
CA GLN B 20 -2.08 -31.11 -1.52
C GLN B 20 -0.63 -30.79 -1.16
N ILE B 21 0.18 -30.50 -2.15
CA ILE B 21 1.55 -30.04 -1.95
C ILE B 21 1.57 -28.52 -2.05
N TYR B 22 2.16 -27.88 -1.05
CA TYR B 22 2.49 -26.46 -1.15
C TYR B 22 3.97 -26.37 -1.49
N PRO B 23 4.35 -26.11 -2.75
CA PRO B 23 5.74 -26.37 -3.14
C PRO B 23 6.77 -25.63 -2.31
N ARG B 24 6.49 -24.38 -1.90
CA ARG B 24 7.43 -23.59 -1.10
C ARG B 24 7.89 -24.29 0.17
N SER B 25 7.05 -25.15 0.75
CA SER B 25 7.31 -25.68 2.07
C SER B 25 7.36 -27.20 2.08
N PHE B 26 7.63 -27.84 0.95
CA PHE B 26 7.65 -29.30 0.93
C PHE B 26 9.07 -29.85 1.04
N LEU B 27 9.94 -29.51 0.09
CA LEU B 27 11.33 -29.97 0.14
C LEU B 27 12.17 -29.05 -0.71
N ASP B 28 13.27 -28.57 -0.13
CA ASP B 28 14.18 -27.67 -0.81
C ASP B 28 15.40 -28.47 -1.24
N SER B 29 15.73 -28.39 -2.54
CA SER B 29 16.77 -29.21 -3.16
C SER B 29 17.96 -28.38 -3.65
N ASN B 30 17.99 -27.09 -3.38
CA ASN B 30 19.10 -26.26 -3.83
C ASN B 30 19.57 -25.29 -2.75
N GLY B 31 19.11 -25.45 -1.51
CA GLY B 31 19.67 -24.71 -0.40
C GLY B 31 19.23 -23.28 -0.25
N ASP B 32 18.37 -22.77 -1.13
CA ASP B 32 17.93 -21.37 -1.06
C ASP B 32 16.84 -21.13 -0.02
N GLY B 33 16.42 -22.16 0.70
CA GLY B 33 15.41 -22.04 1.72
C GLY B 33 13.98 -22.18 1.24
N VAL B 34 13.75 -22.43 -0.05
CA VAL B 34 12.42 -22.50 -0.62
C VAL B 34 12.26 -23.81 -1.36
N GLY B 35 11.18 -24.54 -1.04
CA GLY B 35 10.85 -25.79 -1.71
C GLY B 35 10.74 -25.69 -3.22
N ASP B 36 10.95 -26.80 -3.92
CA ASP B 36 11.03 -26.78 -5.37
C ASP B 36 10.49 -28.08 -5.95
N LEU B 37 10.39 -28.09 -7.27
CA LEU B 37 9.83 -29.24 -7.98
C LEU B 37 10.76 -30.46 -7.90
N PRO B 38 12.08 -30.30 -8.07
CA PRO B 38 12.97 -31.46 -7.87
C PRO B 38 12.83 -32.07 -6.49
N GLY B 39 12.54 -31.28 -5.45
CA GLY B 39 12.28 -31.86 -4.14
C GLY B 39 11.01 -32.69 -4.13
N ILE B 40 9.98 -32.24 -4.86
CA ILE B 40 8.76 -33.01 -4.98
C ILE B 40 9.05 -34.34 -5.67
N ILE B 41 9.80 -34.29 -6.77
CA ILE B 41 10.20 -35.52 -7.46
C ILE B 41 10.91 -36.46 -6.50
N ALA B 42 11.84 -35.91 -5.72
CA ALA B 42 12.61 -36.73 -4.78
C ALA B 42 11.74 -37.31 -3.68
N LYS B 43 10.57 -36.75 -3.43
CA LYS B 43 9.69 -37.33 -2.41
C LYS B 43 8.43 -38.00 -2.98
N LEU B 44 8.30 -38.07 -4.31
CA LEU B 44 7.12 -38.71 -4.91
C LEU B 44 6.95 -40.12 -4.42
N ASP B 45 8.07 -40.73 -4.11
CA ASP B 45 8.14 -42.10 -3.64
C ASP B 45 7.48 -42.21 -2.24
N TYR B 46 7.76 -41.22 -1.38
CA TYR B 46 7.11 -41.09 -0.07
C TYR B 46 5.62 -40.83 -0.24
N ILE B 47 5.30 -40.00 -1.23
CA ILE B 47 3.92 -39.58 -1.53
C ILE B 47 3.10 -40.81 -1.90
N SER B 48 3.66 -41.61 -2.82
CA SER B 48 3.06 -42.86 -3.28
C SER B 48 2.92 -43.84 -2.14
N GLY B 49 3.93 -43.90 -1.28
CA GLY B 49 3.91 -44.77 -0.12
C GLY B 49 2.88 -44.39 0.92
N LEU B 50 2.32 -43.17 0.87
CA LEU B 50 1.24 -42.84 1.80
C LEU B 50 -0.04 -43.60 1.51
N GLY B 51 -0.27 -43.97 0.25
CA GLY B 51 -1.53 -44.59 -0.13
C GLY B 51 -2.57 -43.62 -0.65
N VAL B 52 -2.17 -42.37 -0.91
CA VAL B 52 -3.08 -41.40 -1.50
C VAL B 52 -3.17 -41.65 -3.00
N ASP B 53 -4.25 -41.15 -3.59
CA ASP B 53 -4.54 -41.43 -4.98
C ASP B 53 -4.04 -40.37 -5.94
N ALA B 54 -3.82 -39.13 -5.47
CA ALA B 54 -3.32 -38.13 -6.40
C ALA B 54 -2.59 -37.05 -5.62
N ILE B 55 -1.88 -36.21 -6.35
CA ILE B 55 -1.30 -35.00 -5.78
C ILE B 55 -1.97 -33.80 -6.43
N TRP B 56 -2.11 -32.73 -5.66
CA TRP B 56 -2.46 -31.43 -6.18
C TRP B 56 -1.32 -30.50 -5.83
N ILE B 57 -0.68 -29.91 -6.84
CA ILE B 57 0.42 -29.00 -6.62
C ILE B 57 -0.14 -27.57 -6.65
N SER B 58 0.05 -26.84 -5.55
CA SER B 58 -0.23 -25.42 -5.47
C SER B 58 0.65 -24.67 -6.47
N PRO B 59 0.37 -23.39 -6.74
CA PRO B 59 0.98 -22.75 -7.91
C PRO B 59 2.50 -22.78 -7.87
N PHE B 60 3.09 -23.17 -8.99
CA PHE B 60 4.53 -23.17 -9.23
C PHE B 60 4.86 -22.39 -10.50
N PHE B 61 3.92 -21.58 -10.98
CA PHE B 61 4.05 -20.85 -12.22
C PHE B 61 4.81 -19.55 -11.97
N LYS B 62 5.29 -18.96 -13.07
CA LYS B 62 6.00 -17.67 -12.99
C LYS B 62 5.16 -16.67 -12.24
N SER B 63 5.75 -16.04 -11.22
CA SER B 63 5.00 -15.21 -10.28
C SER B 63 5.94 -14.30 -9.50
N PRO B 64 5.62 -13.01 -9.30
CA PRO B 64 6.39 -12.18 -8.36
C PRO B 64 6.28 -12.62 -6.92
N MET B 65 5.43 -13.60 -6.61
CA MET B 65 5.20 -14.14 -5.27
C MET B 65 4.54 -13.14 -4.30
N ALA B 66 3.83 -12.14 -4.81
CA ALA B 66 3.12 -11.21 -3.93
C ALA B 66 2.06 -11.94 -3.10
N ASP B 67 1.37 -12.91 -3.70
CA ASP B 67 0.52 -13.85 -2.98
C ASP B 67 1.09 -15.26 -3.08
N PHE B 68 2.42 -15.36 -3.07
CA PHE B 68 3.16 -16.62 -3.06
C PHE B 68 2.60 -17.62 -4.06
N GLY B 69 2.54 -17.18 -5.30
CA GLY B 69 2.23 -18.03 -6.42
C GLY B 69 0.85 -17.82 -6.99
N TYR B 70 -0.09 -17.29 -6.20
CA TYR B 70 -1.43 -17.04 -6.70
C TYR B 70 -1.52 -15.74 -7.49
N ASP B 71 -0.40 -15.03 -7.67
CA ASP B 71 -0.32 -13.88 -8.58
C ASP B 71 0.55 -14.28 -9.77
N ILE B 72 -0.08 -14.75 -10.84
CA ILE B 72 0.66 -15.42 -11.91
C ILE B 72 1.00 -14.44 -13.02
N SER B 73 2.28 -14.42 -13.44
CA SER B 73 2.69 -13.53 -14.52
C SER B 73 2.86 -14.24 -15.87
N ASP B 74 2.86 -15.57 -15.90
CA ASP B 74 2.89 -16.31 -17.16
C ASP B 74 2.24 -17.65 -16.87
N TYR B 75 1.08 -17.90 -17.51
CA TYR B 75 0.28 -19.07 -17.19
C TYR B 75 0.89 -20.38 -17.71
N ARG B 76 1.85 -20.30 -18.63
CA ARG B 76 2.35 -21.50 -19.27
C ARG B 76 3.82 -21.79 -18.91
N ALA B 77 4.33 -21.13 -17.86
CA ALA B 77 5.74 -21.20 -17.51
C ALA B 77 5.90 -21.56 -16.03
N VAL B 78 6.96 -22.32 -15.74
CA VAL B 78 7.31 -22.66 -14.37
C VAL B 78 8.20 -21.55 -13.83
N ASP B 79 7.99 -21.13 -12.59
CA ASP B 79 8.85 -20.08 -12.05
C ASP B 79 10.25 -20.65 -11.86
N PRO B 80 11.30 -19.94 -12.28
CA PRO B 80 12.67 -20.46 -12.05
C PRO B 80 12.96 -20.75 -10.59
N LEU B 81 12.29 -20.05 -9.68
CA LEU B 81 12.39 -20.34 -8.27
C LEU B 81 12.06 -21.81 -7.97
N PHE B 82 11.19 -22.43 -8.77
CA PHE B 82 10.77 -23.80 -8.51
C PHE B 82 11.42 -24.83 -9.43
N GLY B 83 11.94 -24.42 -10.57
CA GLY B 83 12.53 -25.34 -11.51
C GLY B 83 12.18 -24.98 -12.94
N SER B 84 12.00 -25.98 -13.77
CA SER B 84 11.79 -25.78 -15.19
C SER B 84 10.58 -26.58 -15.66
N LEU B 85 10.13 -26.25 -16.87
CA LEU B 85 9.08 -27.04 -17.52
C LEU B 85 9.49 -28.50 -17.63
N ALA B 86 10.78 -28.75 -17.90
CA ALA B 86 11.31 -30.10 -17.93
C ALA B 86 11.21 -30.77 -16.56
N ASP B 87 11.42 -30.02 -15.49
CA ASP B 87 11.24 -30.57 -14.14
C ASP B 87 9.80 -31.02 -13.93
N PHE B 88 8.83 -30.21 -14.37
CA PHE B 88 7.44 -30.62 -14.20
C PHE B 88 7.12 -31.83 -15.08
N ASP B 89 7.62 -31.86 -16.31
CA ASP B 89 7.35 -33.01 -17.16
C ASP B 89 7.94 -34.28 -16.55
N ARG B 90 9.16 -34.21 -16.01
CA ARG B 90 9.75 -35.35 -15.32
C ARG B 90 8.92 -35.74 -14.10
N LEU B 91 8.45 -34.75 -13.34
CA LEU B 91 7.60 -35.02 -12.19
C LEU B 91 6.35 -35.78 -12.62
N LEU B 92 5.75 -35.36 -13.73
CA LEU B 92 4.57 -36.03 -14.28
C LEU B 92 4.87 -37.48 -14.62
N GLU B 93 5.94 -37.72 -15.40
CA GLU B 93 6.27 -39.09 -15.78
C GLU B 93 6.49 -39.94 -14.54
N LYS B 94 7.30 -39.47 -13.59
CA LYS B 94 7.61 -40.25 -12.40
C LYS B 94 6.34 -40.56 -11.60
N ALA B 95 5.53 -39.53 -11.35
CA ALA B 95 4.32 -39.73 -10.56
C ALA B 95 3.38 -40.73 -11.24
N HIS B 96 3.23 -40.62 -12.56
CA HIS B 96 2.38 -41.58 -13.25
C HIS B 96 2.98 -42.98 -13.17
N GLY B 97 4.31 -43.08 -13.22
CA GLY B 97 4.96 -44.38 -13.10
C GLY B 97 4.67 -45.05 -11.78
N LEU B 98 4.51 -44.27 -10.71
CA LEU B 98 4.15 -44.87 -9.43
C LEU B 98 2.65 -45.01 -9.22
N GLY B 99 1.83 -44.71 -10.23
CA GLY B 99 0.38 -44.88 -10.11
C GLY B 99 -0.38 -43.69 -9.56
N LEU B 100 0.25 -42.54 -9.42
CA LEU B 100 -0.39 -41.33 -8.91
C LEU B 100 -0.97 -40.49 -10.04
N LYS B 101 -2.08 -39.82 -9.76
CA LYS B 101 -2.60 -38.78 -10.64
C LYS B 101 -2.04 -37.44 -10.20
N VAL B 102 -1.90 -36.51 -11.15
CA VAL B 102 -1.30 -35.21 -10.88
C VAL B 102 -2.29 -34.11 -11.26
N MET B 103 -2.72 -33.33 -10.28
CA MET B 103 -3.54 -32.15 -10.50
C MET B 103 -2.72 -30.92 -10.17
N ILE B 104 -2.97 -29.84 -10.91
CA ILE B 104 -2.26 -28.60 -10.62
C ILE B 104 -3.28 -27.51 -10.37
N ASP B 105 -2.85 -26.48 -9.64
CA ASP B 105 -3.67 -25.30 -9.44
C ASP B 105 -3.83 -24.56 -10.77
N GLN B 106 -5.00 -23.94 -10.96
CA GLN B 106 -5.21 -23.01 -12.05
C GLN B 106 -5.85 -21.77 -11.45
N VAL B 107 -5.25 -20.61 -11.71
CA VAL B 107 -5.69 -19.36 -11.10
C VAL B 107 -6.26 -18.51 -12.22
N LEU B 108 -7.51 -18.78 -12.61
CA LEU B 108 -8.02 -18.23 -13.85
C LEU B 108 -8.62 -16.84 -13.67
N SER B 109 -8.99 -16.49 -12.45
CA SER B 109 -9.82 -15.32 -12.25
C SER B 109 -9.05 -14.00 -12.22
N HIS B 110 -7.75 -14.04 -11.95
CA HIS B 110 -6.95 -12.82 -11.85
C HIS B 110 -5.55 -13.19 -12.23
N THR B 111 -4.76 -12.17 -12.58
CA THR B 111 -3.33 -12.34 -12.87
C THR B 111 -2.51 -11.44 -11.97
N SER B 112 -1.19 -11.63 -12.01
CA SER B 112 -0.27 -10.65 -11.44
C SER B 112 -0.31 -9.36 -12.24
N ILE B 113 0.01 -8.24 -11.57
CA ILE B 113 0.20 -6.99 -12.30
C ILE B 113 1.36 -7.12 -13.26
N ALA B 114 2.24 -8.09 -13.03
CA ALA B 114 3.41 -8.29 -13.91
C ALA B 114 3.08 -9.10 -15.17
N HIS B 115 1.88 -9.64 -15.27
CA HIS B 115 1.49 -10.38 -16.45
C HIS B 115 1.49 -9.48 -17.68
N ALA B 116 1.99 -10.03 -18.80
CA ALA B 116 2.04 -9.26 -20.05
C ALA B 116 0.67 -8.72 -20.47
N TRP B 117 -0.41 -9.47 -20.20
CA TRP B 117 -1.74 -8.98 -20.54
C TRP B 117 -2.07 -7.69 -19.79
N PHE B 118 -1.78 -7.63 -18.50
CA PHE B 118 -2.09 -6.43 -17.73
C PHE B 118 -1.14 -5.29 -18.07
N GLN B 119 0.17 -5.58 -18.26
CA GLN B 119 1.07 -4.52 -18.69
C GLN B 119 0.56 -3.91 -19.97
N GLU B 120 -0.02 -4.73 -20.86
CA GLU B 120 -0.59 -4.17 -22.07
C GLU B 120 -1.88 -3.41 -21.79
N SER B 121 -2.78 -4.05 -21.05
CA SER B 121 -4.11 -3.50 -20.82
C SER B 121 -4.07 -2.12 -20.15
N ARG B 122 -3.17 -1.95 -19.18
CA ARG B 122 -3.16 -0.75 -18.34
C ARG B 122 -2.62 0.49 -19.05
N GLN B 123 -2.09 0.38 -20.28
CA GLN B 123 -1.35 1.51 -20.86
C GLN B 123 -2.27 2.64 -21.29
N ASP B 124 -3.48 2.32 -21.73
CA ASP B 124 -4.44 3.30 -22.22
C ASP B 124 -5.77 2.58 -22.35
N ARG B 125 -6.78 3.29 -22.85
CA ARG B 125 -8.14 2.78 -22.99
C ARG B 125 -8.42 2.14 -24.35
N SER B 126 -7.46 2.15 -25.27
CA SER B 126 -7.76 1.77 -26.65
C SER B 126 -7.00 0.54 -27.14
N ASN B 127 -5.98 0.09 -26.42
CA ASN B 127 -5.10 -0.98 -26.88
C ASN B 127 -5.86 -2.31 -27.03
N PRO B 128 -5.26 -3.28 -27.74
CA PRO B 128 -5.98 -4.54 -28.02
C PRO B 128 -6.45 -5.30 -26.78
N LYS B 129 -5.84 -5.08 -25.61
CA LYS B 129 -6.27 -5.77 -24.39
C LYS B 129 -6.91 -4.84 -23.37
N ALA B 130 -7.41 -3.68 -23.80
CA ALA B 130 -7.94 -2.68 -22.87
C ALA B 130 -9.11 -3.24 -22.07
N ASP B 131 -9.93 -4.08 -22.68
CA ASP B 131 -11.11 -4.61 -22.02
C ASP B 131 -10.88 -5.98 -21.40
N TRP B 132 -9.61 -6.43 -21.29
CA TRP B 132 -9.34 -7.75 -20.72
C TRP B 132 -9.40 -7.75 -19.20
N TYR B 133 -9.27 -6.59 -18.58
CA TYR B 133 -9.41 -6.46 -17.14
C TYR B 133 -10.61 -5.56 -16.87
N VAL B 134 -10.91 -5.37 -15.59
CA VAL B 134 -12.17 -4.77 -15.16
C VAL B 134 -11.83 -3.32 -14.82
N TRP B 135 -12.01 -2.42 -15.79
CA TRP B 135 -11.69 -1.01 -15.68
C TRP B 135 -12.97 -0.21 -15.50
N ALA B 136 -12.91 0.81 -14.66
CA ALA B 136 -14.09 1.63 -14.40
C ALA B 136 -13.68 3.08 -14.15
N ASP B 137 -14.48 4.00 -14.68
CA ASP B 137 -14.24 5.41 -14.43
C ASP B 137 -14.38 5.72 -12.93
N PRO B 138 -13.67 6.72 -12.44
CA PRO B 138 -13.99 7.22 -11.09
C PRO B 138 -15.41 7.77 -11.05
N ARG B 139 -15.99 7.76 -9.85
CA ARG B 139 -17.19 8.56 -9.66
C ARG B 139 -16.89 10.04 -9.89
N GLU B 140 -17.95 10.86 -9.94
CA GLU B 140 -17.75 12.27 -10.23
C GLU B 140 -16.86 12.97 -9.19
N ASP B 141 -16.80 12.44 -7.97
CA ASP B 141 -15.96 13.00 -6.93
C ASP B 141 -14.60 12.30 -6.84
N GLY B 142 -14.25 11.48 -7.84
CA GLY B 142 -12.95 10.86 -7.94
C GLY B 142 -12.81 9.50 -7.27
N THR B 143 -13.82 9.07 -6.51
CA THR B 143 -13.72 7.88 -5.66
C THR B 143 -14.01 6.60 -6.46
N PRO B 144 -13.77 5.44 -5.85
CA PRO B 144 -14.08 4.16 -6.52
C PRO B 144 -15.53 4.09 -6.95
N PRO B 145 -15.81 3.28 -7.98
CA PRO B 145 -17.14 3.23 -8.60
C PRO B 145 -18.24 2.72 -7.69
N ASN B 146 -17.91 1.92 -6.68
CA ASN B 146 -18.92 1.31 -5.81
C ASN B 146 -18.27 0.94 -4.47
N ASN B 147 -19.01 0.19 -3.64
CA ASN B 147 -18.59 -0.07 -2.26
C ASN B 147 -17.82 -1.38 -2.07
N TRP B 148 -17.33 -2.01 -3.16
CA TRP B 148 -16.70 -3.32 -3.02
C TRP B 148 -15.36 -3.19 -2.32
N LEU B 149 -15.09 -4.11 -1.39
CA LEU B 149 -13.81 -4.13 -0.68
C LEU B 149 -12.98 -5.34 -1.08
N SER B 150 -11.66 -5.20 -0.99
CA SER B 150 -10.81 -6.38 -1.16
C SER B 150 -10.91 -7.27 0.07
N LEU B 151 -10.91 -8.58 -0.16
CA LEU B 151 -10.84 -9.54 0.95
C LEU B 151 -9.57 -9.36 1.76
N PHE B 152 -8.50 -8.90 1.13
CA PHE B 152 -7.18 -8.79 1.77
C PHE B 152 -6.87 -7.38 2.26
N GLY B 153 -7.87 -6.50 2.31
CA GLY B 153 -7.71 -5.19 2.93
C GLY B 153 -7.89 -4.02 1.98
N GLY B 154 -8.58 -2.97 2.43
CA GLY B 154 -8.79 -1.79 1.63
C GLY B 154 -9.91 -1.97 0.61
N VAL B 155 -10.09 -0.92 -0.21
CA VAL B 155 -11.12 -0.95 -1.27
C VAL B 155 -10.67 -1.86 -2.42
N ALA B 156 -11.62 -2.34 -3.20
CA ALA B 156 -11.36 -3.33 -4.26
C ALA B 156 -10.97 -2.67 -5.58
N TRP B 157 -10.71 -1.35 -5.56
CA TRP B 157 -10.49 -0.59 -6.76
C TRP B 157 -9.20 0.20 -6.61
N GLN B 158 -8.31 0.09 -7.61
CA GLN B 158 -6.97 0.69 -7.59
C GLN B 158 -6.78 1.63 -8.78
N TRP B 159 -6.34 2.85 -8.51
CA TRP B 159 -6.19 3.86 -9.54
C TRP B 159 -5.04 3.52 -10.48
N GLU B 160 -5.26 3.75 -11.75
CA GLU B 160 -4.20 3.62 -12.76
C GLU B 160 -4.02 4.97 -13.44
N PRO B 161 -2.91 5.68 -13.22
CA PRO B 161 -2.81 7.02 -13.81
C PRO B 161 -2.77 7.02 -15.33
N ARG B 162 -2.29 5.93 -15.96
CA ARG B 162 -2.22 5.92 -17.43
C ARG B 162 -3.59 5.92 -18.09
N ARG B 163 -4.64 5.47 -17.39
CA ARG B 163 -5.97 5.42 -17.97
C ARG B 163 -6.96 6.34 -17.28
N GLU B 164 -6.57 6.98 -16.18
CA GLU B 164 -7.50 7.73 -15.35
C GLU B 164 -8.75 6.88 -15.04
N GLN B 165 -8.50 5.62 -14.67
CA GLN B 165 -9.57 4.71 -14.31
C GLN B 165 -9.07 3.83 -13.18
N TYR B 166 -10.02 3.20 -12.47
CA TYR B 166 -9.73 2.18 -11.47
C TYR B 166 -9.78 0.80 -12.09
N TYR B 167 -8.94 -0.12 -11.60
CA TYR B 167 -9.11 -1.53 -11.94
C TYR B 167 -9.53 -2.31 -10.71
N LEU B 168 -10.31 -3.38 -10.94
CA LEU B 168 -10.85 -4.21 -9.87
C LEU B 168 -9.83 -5.21 -9.37
N HIS B 169 -9.76 -5.39 -8.05
CA HIS B 169 -9.01 -6.50 -7.47
C HIS B 169 -9.74 -6.99 -6.23
N ASN B 170 -10.31 -8.20 -6.33
CA ASN B 170 -10.93 -8.81 -5.16
C ASN B 170 -9.88 -9.18 -4.14
N PHE B 171 -8.68 -9.55 -4.57
CA PHE B 171 -7.61 -9.96 -3.66
C PHE B 171 -6.56 -8.85 -3.60
N LEU B 172 -5.27 -9.14 -3.74
CA LEU B 172 -4.29 -8.08 -3.53
C LEU B 172 -4.36 -7.03 -4.63
N VAL B 173 -3.81 -5.85 -4.33
CA VAL B 173 -3.63 -4.84 -5.38
C VAL B 173 -2.86 -5.44 -6.54
N ASP B 174 -1.91 -6.33 -6.25
CA ASP B 174 -1.08 -6.96 -7.28
C ASP B 174 -1.78 -8.08 -8.04
N GLN B 175 -3.08 -8.25 -7.83
CA GLN B 175 -3.86 -9.30 -8.51
C GLN B 175 -5.09 -8.69 -9.17
N PRO B 176 -4.92 -8.04 -10.32
CA PRO B 176 -6.07 -7.48 -11.03
C PRO B 176 -6.97 -8.56 -11.60
N ASP B 177 -8.27 -8.37 -11.41
CA ASP B 177 -9.26 -9.31 -11.91
C ASP B 177 -9.40 -9.24 -13.41
N LEU B 178 -9.43 -10.42 -14.04
CA LEU B 178 -9.76 -10.48 -15.45
C LEU B 178 -11.26 -10.27 -15.69
N ASN B 179 -11.56 -9.68 -16.85
CA ASN B 179 -12.93 -9.38 -17.27
C ASN B 179 -13.45 -10.57 -18.07
N PHE B 180 -14.13 -11.49 -17.39
CA PHE B 180 -14.58 -12.70 -18.08
C PHE B 180 -15.78 -12.46 -18.99
N HIS B 181 -16.39 -11.26 -18.94
CA HIS B 181 -17.40 -10.88 -19.93
C HIS B 181 -16.80 -10.70 -21.32
N ASN B 182 -15.46 -10.62 -21.41
CA ASN B 182 -14.77 -10.44 -22.68
C ASN B 182 -14.50 -11.81 -23.32
N ALA B 183 -14.91 -11.96 -24.58
CA ALA B 183 -14.82 -13.29 -25.22
C ALA B 183 -13.37 -13.73 -25.41
N GLU B 184 -12.46 -12.79 -25.70
CA GLU B 184 -11.06 -13.14 -25.88
C GLU B 184 -10.45 -13.63 -24.59
N VAL B 185 -10.90 -13.07 -23.45
CA VAL B 185 -10.43 -13.55 -22.15
C VAL B 185 -10.87 -14.98 -21.93
N GLN B 186 -12.15 -15.28 -22.18
CA GLN B 186 -12.63 -16.66 -22.06
C GLN B 186 -11.80 -17.60 -22.92
N GLN B 187 -11.54 -17.21 -24.18
CA GLN B 187 -10.83 -18.09 -25.09
C GLN B 187 -9.37 -18.28 -24.66
N ALA B 188 -8.69 -17.21 -24.27
CA ALA B 188 -7.30 -17.35 -23.81
C ALA B 188 -7.22 -18.19 -22.55
N THR B 189 -8.20 -18.05 -21.66
CA THR B 189 -8.21 -18.89 -20.46
C THR B 189 -8.30 -20.36 -20.83
N LEU B 190 -9.25 -20.68 -21.72
CA LEU B 190 -9.39 -22.07 -22.14
C LEU B 190 -8.13 -22.59 -22.82
N ASP B 191 -7.46 -21.75 -23.61
CA ASP B 191 -6.22 -22.20 -24.28
C ASP B 191 -5.11 -22.48 -23.28
N ASN B 192 -5.02 -21.69 -22.20
CA ASN B 192 -4.01 -21.98 -21.17
C ASN B 192 -4.30 -23.30 -20.47
N VAL B 193 -5.58 -23.54 -20.14
CA VAL B 193 -5.96 -24.83 -19.56
C VAL B 193 -5.60 -25.97 -20.50
N ARG B 194 -5.93 -25.81 -21.79
CA ARG B 194 -5.60 -26.83 -22.79
C ARG B 194 -4.10 -27.06 -22.87
N PHE B 195 -3.30 -26.00 -22.71
CA PHE B 195 -1.85 -26.19 -22.72
C PHE B 195 -1.42 -27.18 -21.66
N TRP B 196 -1.94 -27.03 -20.45
CA TRP B 196 -1.56 -27.99 -19.40
C TRP B 196 -2.20 -29.37 -19.64
N LEU B 197 -3.41 -29.41 -20.20
CA LEU B 197 -4.01 -30.71 -20.52
C LEU B 197 -3.17 -31.47 -21.55
N ASP B 198 -2.53 -30.76 -22.48
CA ASP B 198 -1.74 -31.38 -23.53
C ASP B 198 -0.41 -31.91 -23.02
N ARG B 199 -0.04 -31.58 -21.80
CA ARG B 199 1.13 -32.17 -21.16
C ARG B 199 0.80 -33.41 -20.35
N GLY B 200 -0.47 -33.78 -20.28
CA GLY B 200 -0.86 -34.98 -19.59
C GLY B 200 -1.24 -34.81 -18.14
N VAL B 201 -1.50 -33.58 -17.68
CA VAL B 201 -1.91 -33.42 -16.29
C VAL B 201 -3.30 -34.02 -16.11
N ASP B 202 -3.55 -34.57 -14.93
CA ASP B 202 -4.79 -35.31 -14.69
C ASP B 202 -5.95 -34.42 -14.26
N GLY B 203 -5.70 -33.16 -13.94
CA GLY B 203 -6.79 -32.29 -13.59
C GLY B 203 -6.29 -31.01 -12.95
N PHE B 204 -7.27 -30.25 -12.46
CA PHE B 204 -7.01 -28.90 -11.99
C PHE B 204 -7.84 -28.60 -10.76
N ARG B 205 -7.19 -28.00 -9.77
CA ARG B 205 -7.91 -27.29 -8.72
C ARG B 205 -8.10 -25.86 -9.19
N LEU B 206 -9.36 -25.40 -9.25
CA LEU B 206 -9.69 -24.13 -9.88
C LEU B 206 -9.86 -23.09 -8.77
N ASP B 207 -8.81 -22.31 -8.57
CA ASP B 207 -8.77 -21.30 -7.52
C ASP B 207 -9.88 -20.27 -7.69
N ALA B 208 -10.57 -19.93 -6.60
CA ALA B 208 -11.54 -18.83 -6.59
C ALA B 208 -12.45 -18.85 -7.83
N ILE B 209 -12.99 -20.03 -8.15
CA ILE B 209 -13.60 -20.20 -9.46
C ILE B 209 -14.89 -19.38 -9.60
N ASN B 210 -15.58 -19.11 -8.49
CA ASN B 210 -16.79 -18.28 -8.56
C ASN B 210 -16.48 -16.79 -8.65
N PHE B 211 -15.19 -16.40 -8.64
CA PHE B 211 -14.83 -15.00 -8.78
C PHE B 211 -14.59 -14.59 -10.24
N CYS B 212 -14.71 -15.51 -11.18
CA CYS B 212 -14.37 -15.20 -12.56
C CYS B 212 -15.17 -14.04 -13.12
N PHE B 213 -16.47 -13.99 -12.83
CA PHE B 213 -17.35 -12.92 -13.30
C PHE B 213 -17.76 -12.00 -12.18
N HIS B 214 -17.76 -10.70 -12.46
CA HIS B 214 -18.36 -9.68 -11.60
C HIS B 214 -19.61 -9.15 -12.27
N ASP B 215 -20.43 -8.44 -11.49
CA ASP B 215 -21.61 -7.77 -12.03
C ASP B 215 -21.22 -6.58 -12.87
N ALA B 216 -21.50 -6.61 -14.17
CA ALA B 216 -21.13 -5.50 -15.03
C ALA B 216 -21.89 -4.22 -14.70
N GLN B 217 -23.02 -4.31 -14.00
CA GLN B 217 -23.68 -3.10 -13.54
C GLN B 217 -22.94 -2.42 -12.36
N LEU B 218 -21.94 -3.10 -11.78
CA LEU B 218 -21.12 -2.57 -10.68
C LEU B 218 -21.98 -2.16 -9.49
N ARG B 219 -23.06 -2.88 -9.25
CA ARG B 219 -23.96 -2.52 -8.16
C ARG B 219 -23.30 -2.65 -6.79
N ASP B 220 -23.62 -1.70 -5.90
CA ASP B 220 -23.23 -1.82 -4.49
C ASP B 220 -23.79 -3.09 -3.86
N ASN B 221 -22.97 -3.74 -3.00
CA ASN B 221 -23.49 -4.82 -2.17
C ASN B 221 -24.26 -4.22 -0.99
N PRO B 222 -25.37 -4.82 -0.58
CA PRO B 222 -26.06 -4.34 0.61
C PRO B 222 -25.24 -4.57 1.86
N ALA B 223 -25.40 -3.66 2.84
CA ALA B 223 -24.75 -3.77 4.14
C ALA B 223 -25.27 -5.01 4.89
N LYS B 224 -24.39 -5.61 5.69
CA LYS B 224 -24.76 -6.80 6.45
C LYS B 224 -24.56 -6.55 7.95
N PRO B 225 -25.60 -6.66 8.78
CA PRO B 225 -25.45 -6.32 10.20
C PRO B 225 -24.50 -7.25 10.94
N ALA B 226 -23.98 -6.74 12.05
CA ALA B 226 -22.89 -7.43 12.76
C ALA B 226 -23.29 -8.84 13.17
N ASP B 227 -24.52 -9.02 13.66
CA ASP B 227 -24.87 -10.34 14.16
C ASP B 227 -25.17 -11.36 13.07
N LYS B 228 -25.07 -10.96 11.79
CA LYS B 228 -25.27 -11.85 10.67
C LYS B 228 -23.96 -12.19 9.94
N ARG B 229 -22.86 -11.59 10.35
CA ARG B 229 -21.62 -11.75 9.60
C ARG B 229 -20.99 -13.10 9.89
N VAL B 230 -20.50 -13.73 8.83
CA VAL B 230 -19.94 -15.09 8.88
C VAL B 230 -18.74 -15.12 7.97
N GLY B 231 -17.57 -15.46 8.53
CA GLY B 231 -16.36 -15.51 7.75
C GLY B 231 -16.08 -16.87 7.16
N ARG B 232 -15.64 -16.86 5.89
CA ARG B 232 -15.23 -18.06 5.16
C ARG B 232 -13.98 -17.68 4.36
N GLY B 233 -12.81 -17.94 4.95
CA GLY B 233 -11.57 -17.43 4.40
C GLY B 233 -11.27 -15.99 4.81
N PHE B 234 -12.14 -15.40 5.63
CA PHE B 234 -11.91 -14.09 6.20
C PHE B 234 -12.61 -14.06 7.55
N SER B 235 -12.17 -13.15 8.41
CA SER B 235 -12.78 -13.01 9.72
C SER B 235 -14.10 -12.26 9.62
N ALA B 236 -15.03 -12.57 10.54
CA ALA B 236 -16.24 -11.76 10.65
C ALA B 236 -15.95 -10.32 11.01
N ASP B 237 -14.71 -10.01 11.45
CA ASP B 237 -14.32 -8.65 11.77
C ASP B 237 -13.59 -7.95 10.64
N ASN B 238 -13.26 -8.65 9.58
CA ASN B 238 -12.77 -8.04 8.36
C ASN B 238 -13.84 -7.12 7.79
N PRO B 239 -13.52 -5.88 7.41
CA PRO B 239 -14.53 -5.04 6.73
C PRO B 239 -15.24 -5.76 5.58
N TYR B 240 -14.57 -6.68 4.89
CA TYR B 240 -15.21 -7.45 3.81
C TYR B 240 -16.47 -8.15 4.30
N ALA B 241 -16.49 -8.57 5.56
CA ALA B 241 -17.65 -9.29 6.07
C ALA B 241 -18.88 -8.39 6.25
N TYR B 242 -18.74 -7.07 6.11
CA TYR B 242 -19.88 -6.18 6.39
C TYR B 242 -20.87 -6.07 5.21
N GLN B 243 -20.74 -6.90 4.18
CA GLN B 243 -21.60 -6.84 3.00
C GLN B 243 -22.16 -8.21 2.68
N TYR B 244 -23.40 -8.23 2.16
CA TYR B 244 -23.90 -9.40 1.45
C TYR B 244 -23.29 -9.39 0.06
N HIS B 245 -22.48 -10.41 -0.30
CA HIS B 245 -21.70 -10.39 -1.54
C HIS B 245 -22.54 -10.95 -2.69
N TYR B 246 -23.37 -10.06 -3.22
CA TYR B 246 -24.27 -10.40 -4.30
C TYR B 246 -23.70 -10.08 -5.66
N PHE B 247 -22.78 -9.11 -5.76
CA PHE B 247 -22.43 -8.53 -7.05
C PHE B 247 -20.95 -8.58 -7.40
N ASN B 248 -20.05 -8.65 -6.43
CA ASN B 248 -18.63 -8.67 -6.82
C ASN B 248 -18.16 -10.03 -7.28
N ASN B 249 -18.93 -11.09 -7.02
CA ASN B 249 -18.56 -12.44 -7.46
C ASN B 249 -19.85 -13.26 -7.66
N THR B 250 -19.69 -14.52 -8.06
CA THR B 250 -20.80 -15.50 -8.19
C THR B 250 -21.95 -14.95 -9.03
N GLN B 251 -21.62 -14.66 -10.26
CA GLN B 251 -22.59 -14.15 -11.24
C GLN B 251 -23.11 -15.26 -12.17
N PRO B 252 -24.34 -15.12 -12.65
CA PRO B 252 -24.93 -16.16 -13.51
C PRO B 252 -24.07 -16.49 -14.72
N GLU B 253 -23.37 -15.49 -15.28
CA GLU B 253 -22.60 -15.71 -16.50
C GLU B 253 -21.48 -16.71 -16.27
N ASN B 254 -21.16 -17.02 -15.02
CA ASN B 254 -20.12 -18.04 -14.82
C ASN B 254 -20.61 -19.43 -15.19
N LEU B 255 -21.92 -19.70 -15.10
CA LEU B 255 -22.37 -21.07 -15.38
C LEU B 255 -22.06 -21.51 -16.80
N PRO B 256 -22.39 -20.76 -17.87
CA PRO B 256 -21.97 -21.20 -19.21
C PRO B 256 -20.47 -21.33 -19.35
N PHE B 257 -19.71 -20.49 -18.65
CA PHE B 257 -18.27 -20.63 -18.77
C PHE B 257 -17.79 -21.94 -18.16
N LEU B 258 -18.36 -22.32 -17.01
CA LEU B 258 -18.08 -23.64 -16.46
C LEU B 258 -18.36 -24.73 -17.49
N GLU B 259 -19.47 -24.61 -18.23
CA GLU B 259 -19.77 -25.67 -19.21
C GLU B 259 -18.75 -25.68 -20.34
N ARG B 260 -18.20 -24.52 -20.70
CA ARG B 260 -17.09 -24.48 -21.65
C ARG B 260 -15.90 -25.24 -21.07
N LEU B 261 -15.54 -24.96 -19.82
CA LEU B 261 -14.45 -25.67 -19.20
C LEU B 261 -14.72 -27.16 -19.27
N ARG B 262 -15.95 -27.56 -18.94
CA ARG B 262 -16.26 -28.98 -18.90
C ARG B 262 -16.08 -29.59 -20.27
N GLY B 263 -16.51 -28.88 -21.31
CA GLY B 263 -16.39 -29.43 -22.65
C GLY B 263 -14.94 -29.68 -23.00
N LEU B 264 -14.09 -28.72 -22.66
CA LEU B 264 -12.67 -28.90 -22.89
C LEU B 264 -12.17 -30.14 -22.16
N LEU B 265 -12.51 -30.27 -20.87
CA LEU B 265 -12.03 -31.41 -20.11
C LEU B 265 -12.61 -32.72 -20.65
N ASP B 266 -13.85 -32.68 -21.18
CA ASP B 266 -14.43 -33.90 -21.72
C ASP B 266 -13.60 -34.43 -22.88
N SER B 267 -12.87 -33.56 -23.58
CA SER B 267 -12.03 -34.05 -24.68
C SER B 267 -10.79 -34.78 -24.20
N TYR B 268 -10.54 -34.85 -22.88
CA TYR B 268 -9.35 -35.49 -22.31
C TYR B 268 -9.81 -36.49 -21.26
N PRO B 269 -10.16 -37.70 -21.69
CA PRO B 269 -10.80 -38.66 -20.78
C PRO B 269 -10.04 -38.84 -19.48
N GLY B 270 -10.76 -38.74 -18.37
CA GLY B 270 -10.16 -38.87 -17.06
C GLY B 270 -9.73 -37.56 -16.43
N ALA B 271 -9.66 -36.46 -17.18
CA ALA B 271 -9.28 -35.18 -16.59
C ALA B 271 -10.41 -34.62 -15.74
N VAL B 272 -10.06 -34.10 -14.56
CA VAL B 272 -11.06 -33.73 -13.56
C VAL B 272 -10.85 -32.27 -13.14
N SER B 273 -11.96 -31.63 -12.76
CA SER B 273 -11.96 -30.27 -12.24
C SER B 273 -12.48 -30.29 -10.80
N LEU B 274 -11.77 -29.57 -9.93
CA LEU B 274 -12.16 -29.42 -8.53
C LEU B 274 -12.16 -27.92 -8.24
N GLY B 275 -13.33 -27.32 -8.06
CA GLY B 275 -13.39 -25.88 -7.84
C GLY B 275 -13.21 -25.52 -6.38
N GLU B 276 -12.51 -24.40 -6.12
CA GLU B 276 -12.49 -23.76 -4.81
C GLU B 276 -13.62 -22.76 -4.77
N ILE B 277 -14.60 -22.99 -3.90
CA ILE B 277 -15.85 -22.23 -3.93
C ILE B 277 -16.09 -21.59 -2.57
N SER B 278 -16.13 -20.25 -2.55
CA SER B 278 -16.49 -19.53 -1.33
C SER B 278 -17.39 -18.36 -1.73
N SER B 279 -18.65 -18.39 -1.27
CA SER B 279 -19.67 -17.41 -1.66
C SER B 279 -20.57 -17.11 -0.47
N GLU B 280 -21.63 -16.30 -0.69
CA GLU B 280 -22.59 -16.03 0.37
C GLU B 280 -23.21 -17.31 0.92
N ASP B 281 -23.48 -18.28 0.04
CA ASP B 281 -24.02 -19.58 0.43
C ASP B 281 -23.16 -20.61 -0.29
N SER B 282 -22.04 -20.97 0.33
CA SER B 282 -21.03 -21.78 -0.37
C SER B 282 -21.56 -23.15 -0.76
N LEU B 283 -22.38 -23.77 0.09
CA LEU B 283 -22.91 -25.08 -0.28
C LEU B 283 -23.86 -24.98 -1.46
N ALA B 284 -24.73 -23.96 -1.47
CA ALA B 284 -25.64 -23.78 -2.60
C ALA B 284 -24.86 -23.54 -3.89
N THR B 285 -23.80 -22.72 -3.83
CA THR B 285 -23.00 -22.48 -5.02
C THR B 285 -22.25 -23.73 -5.46
N THR B 286 -21.79 -24.54 -4.49
CA THR B 286 -21.08 -25.76 -4.85
C THR B 286 -22.02 -26.73 -5.57
N ALA B 287 -23.26 -26.85 -5.09
CA ALA B 287 -24.25 -27.68 -5.78
C ALA B 287 -24.49 -27.16 -7.20
N GLU B 288 -24.66 -25.85 -7.34
CA GLU B 288 -24.87 -25.24 -8.64
C GLU B 288 -23.68 -25.48 -9.59
N TYR B 289 -22.46 -25.34 -9.08
CA TYR B 289 -21.27 -25.42 -9.91
C TYR B 289 -20.92 -26.85 -10.30
N THR B 290 -21.46 -27.84 -9.61
CA THR B 290 -21.17 -29.25 -9.93
C THR B 290 -22.37 -29.95 -10.55
N ALA B 291 -23.41 -29.21 -10.91
CA ALA B 291 -24.55 -29.79 -11.64
C ALA B 291 -24.10 -30.38 -12.96
N GLN B 292 -25.01 -31.13 -13.59
CA GLN B 292 -24.70 -31.84 -14.83
C GLN B 292 -24.06 -30.93 -15.86
N GLY B 293 -22.93 -31.37 -16.42
CA GLY B 293 -22.28 -30.63 -17.48
C GLY B 293 -21.40 -29.49 -17.00
N ARG B 294 -21.18 -29.38 -15.70
CA ARG B 294 -20.33 -28.29 -15.20
C ARG B 294 -19.09 -28.87 -14.55
N LEU B 295 -18.71 -28.38 -13.37
CA LEU B 295 -17.51 -28.90 -12.71
C LEU B 295 -17.75 -30.31 -12.18
N HIS B 296 -16.65 -31.07 -12.04
CA HIS B 296 -16.79 -32.42 -11.48
C HIS B 296 -17.01 -32.37 -9.98
N MET B 297 -16.21 -31.56 -9.27
CA MET B 297 -16.42 -31.43 -7.84
C MET B 297 -15.98 -30.06 -7.40
N GLY B 298 -16.34 -29.71 -6.17
CA GLY B 298 -15.87 -28.49 -5.54
C GLY B 298 -15.75 -28.69 -4.05
N TYR B 299 -14.83 -27.94 -3.46
CA TYR B 299 -14.72 -27.85 -2.01
C TYR B 299 -14.95 -26.42 -1.57
N SER B 300 -15.32 -26.27 -0.30
CA SER B 300 -15.63 -24.97 0.29
C SER B 300 -14.94 -24.82 1.63
N PHE B 301 -15.23 -23.74 2.36
CA PHE B 301 -14.63 -23.50 3.67
C PHE B 301 -15.47 -24.03 4.83
N GLU B 302 -16.53 -24.81 4.56
CA GLU B 302 -17.48 -25.17 5.61
C GLU B 302 -16.85 -26.06 6.68
N LEU B 303 -15.89 -26.91 6.31
CA LEU B 303 -15.18 -27.71 7.30
C LEU B 303 -13.78 -27.17 7.55
N LEU B 304 -13.53 -25.93 7.14
CA LEU B 304 -12.23 -25.30 7.31
C LEU B 304 -12.27 -24.19 8.35
N VAL B 305 -13.35 -24.07 9.11
CA VAL B 305 -13.46 -22.95 10.04
C VAL B 305 -13.48 -23.43 11.49
N GLN B 306 -13.75 -22.49 12.41
CA GLN B 306 -13.67 -22.84 13.83
C GLN B 306 -14.77 -23.79 14.25
N ASP B 307 -15.94 -23.72 13.62
CA ASP B 307 -17.07 -24.55 14.00
C ASP B 307 -16.70 -26.03 13.95
N TYR B 308 -16.81 -26.68 15.11
CA TYR B 308 -16.44 -28.09 15.24
C TYR B 308 -17.32 -28.72 16.31
N SER B 309 -18.25 -29.56 15.89
CA SER B 309 -19.15 -30.26 16.80
C SER B 309 -19.86 -31.34 15.98
N ALA B 310 -20.40 -32.34 16.67
CA ALA B 310 -21.15 -33.37 15.97
C ALA B 310 -22.35 -32.77 15.24
N ALA B 311 -23.04 -31.82 15.88
CA ALA B 311 -24.15 -31.14 15.24
C ALA B 311 -23.67 -30.36 14.01
N TYR B 312 -22.56 -29.64 14.12
CA TYR B 312 -22.14 -28.81 13.01
C TYR B 312 -21.74 -29.65 11.80
N ILE B 313 -20.88 -30.67 12.01
CA ILE B 313 -20.49 -31.51 10.89
C ILE B 313 -21.69 -32.24 10.31
N ARG B 314 -22.55 -32.79 11.18
CA ARG B 314 -23.73 -33.52 10.70
C ARG B 314 -24.61 -32.62 9.85
N ASP B 315 -24.93 -31.42 10.35
CA ASP B 315 -25.80 -30.51 9.62
C ASP B 315 -25.15 -30.03 8.33
N THR B 316 -23.84 -29.72 8.37
CA THR B 316 -23.15 -29.24 7.18
C THR B 316 -23.18 -30.28 6.07
N VAL B 317 -22.72 -31.50 6.39
CA VAL B 317 -22.68 -32.54 5.37
C VAL B 317 -24.08 -32.91 4.92
N SER B 318 -25.04 -32.93 5.86
CA SER B 318 -26.41 -33.29 5.50
C SER B 318 -27.03 -32.26 4.56
N ARG B 319 -26.83 -30.96 4.85
CA ARG B 319 -27.38 -29.93 3.98
C ARG B 319 -26.74 -30.00 2.61
N LEU B 320 -25.43 -30.26 2.54
CA LEU B 320 -24.81 -30.40 1.24
C LEU B 320 -25.39 -31.61 0.49
N GLU B 321 -25.57 -32.74 1.19
CA GLU B 321 -26.12 -33.93 0.56
C GLU B 321 -27.54 -33.69 0.04
N ALA B 322 -28.35 -32.94 0.79
CA ALA B 322 -29.71 -32.64 0.38
C ALA B 322 -29.75 -31.66 -0.79
N THR B 323 -28.75 -30.77 -0.87
CA THR B 323 -28.69 -29.72 -1.89
C THR B 323 -28.05 -30.20 -3.20
N MET B 324 -27.13 -31.15 -3.12
CA MET B 324 -26.40 -31.61 -4.30
C MET B 324 -27.33 -32.25 -5.32
N LEU B 325 -27.28 -31.74 -6.55
CA LEU B 325 -28.11 -32.27 -7.62
C LEU B 325 -27.46 -33.48 -8.25
N GLU B 326 -26.33 -33.27 -8.92
CA GLU B 326 -25.70 -34.25 -9.77
C GLU B 326 -24.21 -34.30 -9.52
N GLY B 327 -23.72 -33.46 -8.61
CA GLY B 327 -22.30 -33.38 -8.33
C GLY B 327 -21.86 -34.34 -7.25
N TRP B 328 -20.54 -34.45 -7.16
CA TRP B 328 -19.81 -35.27 -6.25
C TRP B 328 -19.09 -34.40 -5.22
N PRO B 329 -19.27 -34.65 -3.93
CA PRO B 329 -18.68 -33.77 -2.91
C PRO B 329 -17.16 -33.92 -2.83
N CYS B 330 -16.54 -32.89 -2.30
CA CYS B 330 -15.13 -32.95 -1.94
C CYS B 330 -14.95 -32.20 -0.64
N TRP B 331 -14.30 -32.86 0.33
CA TRP B 331 -14.16 -32.29 1.67
C TRP B 331 -12.70 -32.11 2.03
N ALA B 332 -12.45 -31.08 2.84
CA ALA B 332 -11.12 -30.82 3.36
C ALA B 332 -11.26 -30.22 4.74
N ILE B 333 -10.27 -30.49 5.59
CA ILE B 333 -10.23 -29.88 6.91
C ILE B 333 -9.00 -29.00 7.11
N SER B 334 -8.03 -29.03 6.20
CA SER B 334 -6.85 -28.19 6.27
C SER B 334 -6.38 -27.87 4.86
N ASN B 335 -5.76 -26.71 4.69
CA ASN B 335 -5.08 -26.35 3.44
C ASN B 335 -4.19 -25.15 3.73
N HIS B 336 -3.60 -24.58 2.68
CA HIS B 336 -2.63 -23.49 2.79
C HIS B 336 -3.26 -22.15 3.20
N ASP B 337 -4.57 -22.09 3.46
CA ASP B 337 -5.26 -20.84 3.79
C ASP B 337 -5.80 -20.78 5.21
N VAL B 338 -5.76 -21.88 5.96
CA VAL B 338 -6.40 -21.94 7.27
C VAL B 338 -5.43 -22.54 8.29
N VAL B 339 -5.78 -22.34 9.56
CA VAL B 339 -5.05 -22.97 10.65
C VAL B 339 -5.16 -24.48 10.51
N ARG B 340 -4.04 -25.19 10.70
CA ARG B 340 -4.03 -26.64 10.66
C ARG B 340 -5.10 -27.21 11.57
N ALA B 341 -5.85 -28.20 11.07
CA ALA B 341 -7.02 -28.68 11.80
C ALA B 341 -6.66 -29.26 13.16
N VAL B 342 -5.44 -29.80 13.31
CA VAL B 342 -5.01 -30.32 14.60
C VAL B 342 -5.20 -29.26 15.67
N THR B 343 -4.67 -28.06 15.42
CA THR B 343 -4.84 -26.97 16.38
C THR B 343 -6.22 -26.35 16.28
N ARG B 344 -6.68 -26.07 15.04
CA ARG B 344 -7.90 -25.31 14.85
C ARG B 344 -9.09 -25.97 15.52
N TRP B 345 -9.15 -27.31 15.50
CA TRP B 345 -10.24 -28.05 16.11
C TRP B 345 -9.88 -28.69 17.45
N GLY B 346 -8.65 -29.17 17.62
CA GLY B 346 -8.30 -29.89 18.83
C GLY B 346 -7.74 -29.01 19.94
N GLY B 347 -7.19 -27.86 19.57
CA GLY B 347 -6.68 -26.90 20.55
C GLY B 347 -5.17 -26.94 20.66
N ALA B 348 -4.69 -26.22 21.68
CA ALA B 348 -3.26 -26.08 21.90
C ALA B 348 -2.61 -27.39 22.38
N GLN B 349 -3.38 -28.27 23.01
CA GLN B 349 -2.88 -29.55 23.52
C GLN B 349 -3.51 -30.75 22.79
N ALA B 350 -3.70 -30.60 21.48
CA ALA B 350 -4.28 -31.68 20.68
C ALA B 350 -3.38 -32.90 20.71
N THR B 351 -3.97 -34.05 20.99
CA THR B 351 -3.24 -35.31 21.12
C THR B 351 -3.03 -35.92 19.74
N PRO B 352 -1.98 -36.76 19.58
CA PRO B 352 -1.87 -37.52 18.34
C PRO B 352 -3.10 -38.36 18.05
N ALA B 353 -3.78 -38.82 19.10
CA ALA B 353 -5.02 -39.56 18.92
C ALA B 353 -6.05 -38.71 18.18
N PHE B 354 -6.12 -37.42 18.50
CA PHE B 354 -7.07 -36.55 17.84
C PHE B 354 -6.73 -36.37 16.37
N ALA B 355 -5.45 -36.21 16.05
CA ALA B 355 -5.05 -36.06 14.66
C ALA B 355 -5.45 -37.29 13.86
N ARG B 356 -5.16 -38.48 14.40
CA ARG B 356 -5.55 -39.70 13.71
C ARG B 356 -7.07 -39.80 13.58
N MET B 357 -7.79 -39.40 14.62
CA MET B 357 -9.25 -39.49 14.60
C MET B 357 -9.84 -38.60 13.51
N VAL B 358 -9.39 -37.35 13.44
CA VAL B 358 -10.01 -36.42 12.49
C VAL B 358 -9.64 -36.79 11.06
N VAL B 359 -8.43 -37.32 10.82
CA VAL B 359 -8.11 -37.76 9.47
C VAL B 359 -9.02 -38.93 9.06
N ALA B 360 -9.25 -39.87 9.99
CA ALA B 360 -10.15 -40.99 9.68
C ALA B 360 -11.57 -40.53 9.44
N LEU B 361 -12.04 -39.60 10.27
CA LEU B 361 -13.37 -39.03 10.13
C LEU B 361 -13.52 -38.35 8.77
N LEU B 362 -12.52 -37.58 8.37
CA LEU B 362 -12.58 -36.88 7.10
C LEU B 362 -12.67 -37.86 5.94
N CYS B 363 -11.80 -38.88 5.96
CA CYS B 363 -11.78 -39.86 4.87
C CYS B 363 -12.95 -40.84 4.94
N SER B 364 -13.78 -40.78 5.98
CA SER B 364 -14.96 -41.63 6.05
C SER B 364 -16.24 -40.92 5.65
N LEU B 365 -16.20 -39.61 5.38
CA LEU B 365 -17.36 -38.94 4.82
C LEU B 365 -17.49 -39.25 3.33
N ARG B 366 -18.69 -39.05 2.79
CA ARG B 366 -18.90 -39.26 1.36
C ARG B 366 -18.25 -38.15 0.55
N GLY B 367 -17.39 -38.52 -0.38
CA GLY B 367 -16.77 -37.56 -1.28
C GLY B 367 -15.28 -37.79 -1.43
N SER B 368 -14.72 -37.07 -2.39
CA SER B 368 -13.26 -37.04 -2.50
C SER B 368 -12.68 -36.19 -1.36
N ILE B 369 -11.39 -36.41 -1.10
CA ILE B 369 -10.75 -35.89 0.11
C ILE B 369 -9.50 -35.13 -0.28
N CYS B 370 -9.36 -33.90 0.23
CA CYS B 370 -8.13 -33.14 0.10
C CYS B 370 -7.37 -33.27 1.40
N LEU B 371 -6.13 -33.76 1.32
CA LEU B 371 -5.27 -33.96 2.48
C LEU B 371 -4.05 -33.07 2.32
N TYR B 372 -3.89 -32.13 3.24
CA TYR B 372 -2.83 -31.13 3.16
C TYR B 372 -1.51 -31.67 3.67
N GLN B 373 -0.42 -31.30 2.99
CA GLN B 373 0.92 -31.74 3.38
C GLN B 373 1.16 -31.48 4.86
N GLY B 374 1.45 -32.54 5.60
CA GLY B 374 1.65 -32.46 7.03
C GLY B 374 0.52 -33.05 7.85
N GLU B 375 -0.66 -33.22 7.26
CA GLU B 375 -1.75 -33.83 8.02
C GLU B 375 -1.44 -35.28 8.35
N GLU B 376 -0.73 -35.98 7.48
CA GLU B 376 -0.35 -37.35 7.77
C GLU B 376 0.66 -37.44 8.91
N LEU B 377 1.34 -36.35 9.24
CA LEU B 377 2.23 -36.30 10.40
C LEU B 377 1.55 -35.77 11.66
N GLY B 378 0.29 -35.34 11.57
CA GLY B 378 -0.41 -34.76 12.70
C GLY B 378 0.14 -33.42 13.14
N LEU B 379 0.76 -32.67 12.23
CA LEU B 379 1.44 -31.44 12.61
C LEU B 379 0.44 -30.40 13.13
N SER B 380 0.86 -29.68 14.17
CA SER B 380 0.07 -28.60 14.75
C SER B 380 0.41 -27.27 14.06
N GLU B 381 -0.42 -26.26 14.31
CA GLU B 381 -0.15 -24.94 13.77
C GLU B 381 1.16 -24.38 14.32
N ALA B 382 1.96 -23.81 13.42
CA ALA B 382 3.19 -23.16 13.83
C ALA B 382 2.88 -21.77 14.38
N GLU B 383 3.80 -21.26 15.18
CA GLU B 383 3.74 -19.87 15.63
C GLU B 383 4.81 -19.08 14.87
N VAL B 384 4.37 -18.14 14.06
CA VAL B 384 5.28 -17.30 13.27
C VAL B 384 5.47 -15.99 14.00
N ALA B 385 6.72 -15.62 14.23
CA ALA B 385 7.02 -14.35 14.86
C ALA B 385 6.71 -13.21 13.91
N PHE B 386 6.45 -12.04 14.50
CA PHE B 386 6.07 -10.87 13.71
C PHE B 386 7.10 -10.57 12.62
N GLU B 387 8.39 -10.68 12.94
CA GLU B 387 9.46 -10.37 12.00
C GLU B 387 9.65 -11.43 10.92
N ASP B 388 9.06 -12.61 11.09
CA ASP B 388 9.12 -13.68 10.10
C ASP B 388 7.92 -13.68 9.15
N LEU B 389 6.95 -12.81 9.41
CA LEU B 389 5.71 -12.75 8.64
C LEU B 389 6.00 -12.49 7.17
N GLN B 390 5.48 -13.35 6.31
CA GLN B 390 5.55 -13.20 4.86
C GLN B 390 4.20 -12.90 4.22
N ASP B 391 3.12 -13.48 4.72
CA ASP B 391 1.82 -13.37 4.06
C ASP B 391 1.30 -11.94 4.18
N PRO B 392 1.09 -11.22 3.06
CA PRO B 392 0.56 -9.84 3.18
C PRO B 392 -0.77 -9.74 3.90
N TYR B 393 -1.62 -10.76 3.76
CA TYR B 393 -2.89 -10.80 4.47
C TYR B 393 -2.69 -10.67 5.98
N GLY B 394 -1.67 -11.38 6.50
CA GLY B 394 -1.40 -11.31 7.92
C GLY B 394 -0.72 -10.01 8.33
N ILE B 395 0.17 -9.49 7.48
CA ILE B 395 0.77 -8.20 7.77
C ILE B 395 -0.31 -7.12 7.85
N THR B 396 -1.26 -7.18 6.91
CA THR B 396 -2.31 -6.17 6.86
C THR B 396 -3.19 -6.22 8.10
N PHE B 397 -3.52 -7.42 8.60
CA PHE B 397 -4.50 -7.51 9.69
C PHE B 397 -3.92 -7.84 11.06
N TRP B 398 -2.60 -7.84 11.20
CA TRP B 398 -1.99 -8.08 12.49
C TRP B 398 -2.50 -7.06 13.50
N PRO B 399 -2.79 -7.47 14.75
CA PRO B 399 -2.61 -8.79 15.35
C PRO B 399 -3.88 -9.61 15.49
N THR B 400 -5.04 -9.06 15.14
CA THR B 400 -6.29 -9.78 15.38
C THR B 400 -6.46 -10.93 14.39
N PHE B 401 -5.90 -10.80 13.19
CA PHE B 401 -5.75 -11.92 12.26
C PHE B 401 -4.29 -11.95 11.82
N LYS B 402 -3.64 -13.08 12.04
CA LYS B 402 -2.20 -13.17 11.86
C LYS B 402 -1.81 -13.74 10.51
N GLY B 403 -2.76 -13.99 9.62
CA GLY B 403 -2.44 -14.47 8.30
C GLY B 403 -2.22 -15.98 8.25
N ARG B 404 -1.68 -16.43 7.13
CA ARG B 404 -1.68 -17.84 6.80
C ARG B 404 -0.30 -18.50 6.92
N ASP B 405 0.70 -17.80 7.46
CA ASP B 405 2.05 -18.39 7.52
C ASP B 405 2.12 -19.59 8.46
N GLY B 406 1.25 -19.64 9.46
CA GLY B 406 1.30 -20.70 10.46
C GLY B 406 1.09 -22.10 9.91
N CYS B 407 0.45 -22.23 8.75
CA CYS B 407 0.26 -23.52 8.12
C CYS B 407 1.17 -23.72 6.92
N ARG B 408 2.12 -22.80 6.71
CA ARG B 408 2.99 -22.84 5.55
C ARG B 408 4.46 -23.04 5.91
N THR B 409 4.76 -23.41 7.15
CA THR B 409 6.12 -23.67 7.57
C THR B 409 6.61 -24.99 6.98
N PRO B 410 7.93 -25.16 6.85
CA PRO B 410 8.43 -26.27 6.03
C PRO B 410 8.10 -27.65 6.59
N MET B 411 7.99 -28.59 5.66
CA MET B 411 7.80 -29.99 5.98
C MET B 411 8.97 -30.52 6.80
N PRO B 412 8.71 -31.21 7.93
CA PRO B 412 9.79 -31.83 8.70
C PRO B 412 10.13 -33.23 8.21
N TRP B 413 11.21 -33.39 7.44
CA TRP B 413 11.54 -34.71 6.92
C TRP B 413 12.31 -35.55 7.94
N THR B 414 13.31 -34.98 8.59
CA THR B 414 14.10 -35.66 9.60
C THR B 414 14.14 -34.80 10.85
N ASP B 415 14.85 -35.27 11.89
CA ASP B 415 14.98 -34.46 13.09
C ASP B 415 16.30 -33.72 13.14
N ALA B 416 17.00 -33.62 12.00
CA ALA B 416 18.19 -32.79 11.93
C ALA B 416 17.79 -31.35 12.27
N PRO B 417 18.73 -30.48 12.63
CA PRO B 417 18.32 -29.12 13.03
C PRO B 417 17.34 -28.47 12.08
N SER B 418 17.65 -28.54 10.79
CA SER B 418 16.80 -28.05 9.71
C SER B 418 15.75 -29.07 9.28
N ALA B 419 15.79 -30.27 9.84
CA ALA B 419 14.84 -31.34 9.55
C ALA B 419 14.94 -31.84 8.12
N GLY B 420 16.08 -31.66 7.47
CA GLY B 420 16.23 -32.10 6.11
C GLY B 420 15.46 -31.31 5.09
N PHE B 421 14.82 -30.20 5.50
CA PHE B 421 14.07 -29.42 4.53
C PHE B 421 15.00 -28.61 3.63
N THR B 422 16.10 -28.10 4.19
CA THR B 422 16.97 -27.23 3.39
C THR B 422 18.38 -27.25 3.94
N SER B 423 19.33 -26.99 3.06
CA SER B 423 20.72 -26.76 3.42
C SER B 423 21.04 -25.28 3.67
N GLY B 424 20.03 -24.40 3.67
CA GLY B 424 20.17 -22.98 3.98
C GLY B 424 19.29 -22.62 5.17
N LYS B 425 18.65 -21.45 5.09
CA LYS B 425 17.70 -20.86 6.05
C LYS B 425 16.30 -21.08 5.48
N PRO B 426 15.37 -21.77 6.11
CA PRO B 426 14.05 -21.90 5.50
C PRO B 426 13.37 -20.54 5.41
N TRP B 427 12.57 -20.35 4.34
CA TRP B 427 11.89 -19.08 4.12
C TRP B 427 10.91 -18.76 5.23
N LEU B 428 10.46 -19.76 5.97
CA LEU B 428 9.70 -19.62 7.20
C LEU B 428 10.29 -20.54 8.26
N PRO B 429 10.27 -20.13 9.53
CA PRO B 429 10.89 -20.96 10.57
C PRO B 429 10.03 -22.18 10.89
N LEU B 430 10.70 -23.28 11.23
CA LEU B 430 10.01 -24.50 11.63
C LEU B 430 9.57 -24.43 13.08
N ALA B 431 8.36 -24.92 13.35
CA ALA B 431 7.92 -25.14 14.72
C ALA B 431 8.73 -26.25 15.37
N ALA B 432 8.98 -26.11 16.68
CA ALA B 432 9.69 -27.16 17.41
C ALA B 432 8.88 -28.45 17.47
N SER B 433 7.55 -28.34 17.61
CA SER B 433 6.67 -29.48 17.51
C SER B 433 6.91 -30.30 16.23
N HIS B 434 7.25 -29.62 15.13
CA HIS B 434 7.30 -30.26 13.83
C HIS B 434 8.58 -31.06 13.67
N ARG B 435 9.66 -30.47 14.14
CA ARG B 435 10.95 -31.11 14.20
C ARG B 435 10.99 -32.27 15.16
N ALA B 436 10.17 -32.21 16.19
CA ALA B 436 10.00 -33.37 17.06
C ALA B 436 9.11 -34.46 16.48
N ALA B 437 8.30 -34.15 15.46
CA ALA B 437 7.40 -35.15 14.89
C ALA B 437 7.71 -35.41 13.41
N ALA B 438 8.99 -35.37 13.05
CA ALA B 438 9.42 -35.43 11.66
C ALA B 438 9.07 -36.76 10.99
N VAL B 439 9.18 -36.77 9.65
CA VAL B 439 8.92 -37.97 8.86
C VAL B 439 9.87 -39.10 9.24
N SER B 440 11.18 -38.84 9.23
CA SER B 440 12.16 -39.87 9.56
C SER B 440 11.92 -40.45 10.95
N VAL B 441 11.40 -39.63 11.86
CA VAL B 441 11.13 -40.11 13.21
C VAL B 441 9.87 -40.96 13.24
N GLN B 442 8.83 -40.54 12.51
CA GLN B 442 7.55 -41.26 12.57
C GLN B 442 7.51 -42.51 11.71
N GLN B 443 8.21 -42.55 10.57
CA GLN B 443 8.15 -43.70 9.66
C GLN B 443 8.76 -44.95 10.24
N ASP B 444 9.45 -44.84 11.37
CA ASP B 444 10.05 -45.99 12.05
C ASP B 444 9.12 -46.53 13.14
N ASP B 445 8.60 -45.65 13.98
CA ASP B 445 7.66 -46.06 15.02
C ASP B 445 6.30 -46.33 14.37
N ALA B 446 5.87 -47.61 14.35
CA ALA B 446 4.61 -48.00 13.73
C ALA B 446 3.40 -47.56 14.54
N HIS B 447 3.62 -46.86 15.65
CA HIS B 447 2.56 -46.34 16.49
C HIS B 447 2.30 -44.86 16.25
N SER B 448 2.97 -44.26 15.27
CA SER B 448 2.86 -42.84 15.01
C SER B 448 1.61 -42.52 14.20
N VAL B 449 1.32 -41.23 14.11
CA VAL B 449 0.20 -40.78 13.30
C VAL B 449 0.45 -41.15 11.84
N LEU B 450 1.70 -41.07 11.39
CA LEU B 450 2.02 -41.33 9.99
C LEU B 450 1.70 -42.77 9.60
N ARG B 451 2.13 -43.72 10.43
CA ARG B 451 1.82 -45.12 10.16
C ARG B 451 0.34 -45.42 10.36
N ALA B 452 -0.28 -44.77 11.35
CA ALA B 452 -1.71 -44.97 11.55
C ALA B 452 -2.51 -44.51 10.34
N VAL B 453 -2.08 -43.42 9.71
CA VAL B 453 -2.75 -42.88 8.53
C VAL B 453 -2.52 -43.78 7.34
N ARG B 454 -1.29 -44.26 7.16
CA ARG B 454 -1.03 -45.18 6.05
C ARG B 454 -1.88 -46.44 6.18
N ALA B 455 -2.03 -46.92 7.42
CA ALA B 455 -2.84 -48.10 7.68
C ALA B 455 -4.32 -47.85 7.43
N PHE B 456 -4.84 -46.73 7.90
CA PHE B 456 -6.24 -46.42 7.68
C PHE B 456 -6.53 -46.26 6.19
N LEU B 457 -5.64 -45.60 5.45
CA LEU B 457 -5.87 -45.39 4.03
C LEU B 457 -5.87 -46.71 3.29
N ALA B 458 -4.92 -47.60 3.60
CA ALA B 458 -4.94 -48.93 2.98
C ALA B 458 -6.19 -49.71 3.36
N TRP B 459 -6.68 -49.53 4.59
CA TRP B 459 -7.92 -50.19 5.01
C TRP B 459 -9.12 -49.64 4.24
N ARG B 460 -9.16 -48.32 4.05
CA ARG B 460 -10.25 -47.67 3.33
C ARG B 460 -10.27 -48.10 1.88
N LYS B 461 -9.09 -48.31 1.29
CA LYS B 461 -8.99 -48.80 -0.08
C LYS B 461 -9.80 -50.08 -0.29
N GLU B 462 -9.91 -50.92 0.74
CA GLU B 462 -10.59 -52.21 0.62
C GLU B 462 -12.05 -52.15 1.06
N MET B 463 -12.58 -50.95 1.31
CA MET B 463 -13.96 -50.75 1.76
C MET B 463 -14.73 -49.94 0.72
N PRO B 464 -15.49 -50.59 -0.17
CA PRO B 464 -16.23 -49.82 -1.18
C PRO B 464 -17.29 -48.89 -0.61
N ALA B 465 -17.79 -49.16 0.60
CA ALA B 465 -18.80 -48.30 1.20
C ALA B 465 -18.23 -46.94 1.61
N LEU B 466 -16.95 -46.90 1.97
CA LEU B 466 -16.32 -45.62 2.31
C LEU B 466 -15.94 -44.82 1.08
N ARG B 467 -15.58 -45.50 0.00
CA ARG B 467 -15.10 -44.85 -1.21
C ARG B 467 -16.23 -44.37 -2.11
N GLU B 468 -17.26 -45.18 -2.27
CA GLU B 468 -18.34 -44.90 -3.20
C GLU B 468 -19.70 -44.75 -2.55
N GLY B 469 -19.84 -45.13 -1.29
CA GLY B 469 -21.15 -45.32 -0.72
C GLY B 469 -21.90 -44.02 -0.47
N SER B 470 -23.21 -44.17 -0.29
CA SER B 470 -24.03 -43.09 0.22
C SER B 470 -23.77 -42.92 1.72
N ILE B 471 -24.35 -41.86 2.28
CA ILE B 471 -24.18 -41.50 3.69
C ILE B 471 -25.53 -41.17 4.28
N ALA B 472 -25.71 -41.51 5.55
CA ALA B 472 -26.93 -41.18 6.27
C ALA B 472 -26.58 -40.99 7.74
N PHE B 473 -27.02 -39.88 8.31
CA PHE B 473 -26.62 -39.52 9.67
C PHE B 473 -27.70 -39.89 10.68
N TYR B 474 -27.25 -40.26 11.87
CA TYR B 474 -28.12 -40.46 13.02
C TYR B 474 -28.08 -39.22 13.89
N ASP B 475 -29.23 -38.83 14.42
CA ASP B 475 -29.34 -37.67 15.29
C ASP B 475 -28.84 -38.05 16.68
N THR B 476 -27.54 -37.90 16.89
CA THR B 476 -26.91 -38.24 18.15
C THR B 476 -26.58 -36.95 18.90
N ALA B 477 -26.64 -37.02 20.23
CA ALA B 477 -26.24 -35.88 21.03
C ALA B 477 -24.73 -35.77 21.08
N GLU B 478 -24.23 -34.59 21.46
CA GLU B 478 -22.80 -34.38 21.53
C GLU B 478 -22.19 -35.36 22.52
N PRO B 479 -20.92 -35.74 22.33
CA PRO B 479 -20.07 -35.32 21.22
C PRO B 479 -19.86 -36.38 20.14
N VAL B 480 -20.78 -37.31 19.91
CA VAL B 480 -20.57 -38.39 18.98
C VAL B 480 -21.23 -38.07 17.64
N LEU B 481 -20.48 -38.29 16.56
CA LEU B 481 -20.98 -38.16 15.20
C LEU B 481 -21.17 -39.57 14.67
N MET B 482 -22.40 -39.95 14.37
CA MET B 482 -22.67 -41.32 13.96
C MET B 482 -23.44 -41.32 12.64
N PHE B 483 -22.96 -42.12 11.70
CA PHE B 483 -23.59 -42.21 10.39
C PHE B 483 -23.29 -43.58 9.81
N ARG B 484 -24.00 -43.91 8.75
CA ARG B 484 -23.77 -45.13 8.00
C ARG B 484 -23.39 -44.79 6.58
N ARG B 485 -22.40 -45.50 6.04
CA ARG B 485 -22.06 -45.50 4.63
C ARG B 485 -22.58 -46.80 4.02
N GLU B 486 -23.08 -46.71 2.78
CA GLU B 486 -23.72 -47.87 2.19
C GLU B 486 -23.42 -47.97 0.70
N HIS B 487 -22.95 -49.16 0.28
CA HIS B 487 -22.69 -49.39 -1.14
C HIS B 487 -22.78 -50.88 -1.46
N ALA B 488 -23.62 -51.23 -2.44
CA ALA B 488 -23.70 -52.58 -3.00
C ALA B 488 -23.95 -53.62 -1.90
N GLY B 489 -25.04 -53.41 -1.16
CA GLY B 489 -25.39 -54.29 -0.05
C GLY B 489 -24.51 -54.12 1.16
N GLN B 490 -23.27 -53.65 0.96
CA GLN B 490 -22.36 -53.42 2.08
C GLN B 490 -22.85 -52.22 2.88
N VAL B 491 -22.94 -52.39 4.19
CA VAL B 491 -23.33 -51.30 5.07
C VAL B 491 -22.28 -51.22 6.16
N VAL B 492 -21.82 -49.99 6.45
CA VAL B 492 -20.76 -49.78 7.42
C VAL B 492 -21.22 -48.64 8.32
N LEU B 493 -21.48 -48.96 9.59
CA LEU B 493 -21.79 -47.96 10.59
C LEU B 493 -20.49 -47.43 11.16
N LEU B 494 -20.39 -46.11 11.27
CA LEU B 494 -19.26 -45.42 11.87
C LEU B 494 -19.76 -44.46 12.93
N ALA B 495 -19.08 -44.47 14.07
CA ALA B 495 -19.40 -43.58 15.18
C ALA B 495 -18.11 -43.03 15.74
N PHE B 496 -17.96 -41.71 15.72
CA PHE B 496 -16.76 -41.00 16.15
C PHE B 496 -17.06 -40.16 17.39
N ASN B 497 -16.14 -40.16 18.35
CA ASN B 497 -16.24 -39.28 19.52
C ASN B 497 -15.41 -38.04 19.28
N LEU B 498 -16.08 -36.89 19.18
CA LEU B 498 -15.39 -35.64 18.92
C LEU B 498 -14.75 -35.04 20.16
N SER B 499 -15.08 -35.53 21.35
CA SER B 499 -14.51 -34.99 22.58
C SER B 499 -13.32 -35.82 23.04
N ALA B 500 -12.49 -35.20 23.87
CA ALA B 500 -11.35 -35.88 24.49
C ALA B 500 -11.76 -36.67 25.73
N ASP B 501 -13.01 -36.50 26.20
CA ASP B 501 -13.68 -37.18 27.30
C ASP B 501 -14.40 -38.41 26.79
N PRO B 502 -14.55 -39.44 27.62
CA PRO B 502 -15.30 -40.62 27.20
C PRO B 502 -16.80 -40.36 27.18
N ALA B 503 -17.49 -41.06 26.27
CA ALA B 503 -18.92 -40.93 26.14
C ALA B 503 -19.48 -42.25 25.65
N GLU B 504 -20.80 -42.41 25.80
CA GLU B 504 -21.47 -43.65 25.43
C GLU B 504 -22.89 -43.36 24.98
N LEU B 505 -23.39 -44.16 24.03
CA LEU B 505 -24.78 -44.06 23.59
C LEU B 505 -25.31 -45.39 23.06
N ALA B 506 -26.62 -45.41 22.84
CA ALA B 506 -27.32 -46.61 22.43
C ALA B 506 -27.12 -46.88 20.94
N LEU B 507 -26.69 -48.09 20.63
CA LEU B 507 -26.51 -48.50 19.25
C LEU B 507 -27.84 -48.46 18.49
N PRO B 508 -27.83 -48.09 17.21
CA PRO B 508 -29.08 -48.02 16.44
C PRO B 508 -29.57 -49.41 16.02
N ALA B 509 -30.83 -49.44 15.57
CA ALA B 509 -31.47 -50.68 15.18
C ALA B 509 -30.69 -51.38 14.07
N GLY B 510 -30.88 -52.69 13.98
CA GLY B 510 -30.24 -53.54 12.99
C GLY B 510 -29.20 -54.45 13.63
N GLU B 511 -28.63 -55.32 12.78
CA GLU B 511 -27.52 -56.20 13.18
C GLU B 511 -26.16 -55.72 12.69
N TRP B 512 -25.29 -55.45 13.67
CA TRP B 512 -23.97 -54.86 13.46
C TRP B 512 -22.92 -55.80 14.05
N GLU B 513 -21.81 -55.98 13.33
CA GLU B 513 -20.70 -56.79 13.79
C GLU B 513 -19.43 -55.96 13.69
N GLN B 514 -18.65 -55.90 14.77
CA GLN B 514 -17.53 -54.96 14.80
C GLN B 514 -16.45 -55.33 13.81
N ILE B 515 -15.88 -54.31 13.18
CA ILE B 515 -14.75 -54.51 12.28
C ILE B 515 -13.61 -53.64 12.81
N ASP B 516 -12.38 -54.11 12.67
CA ASP B 516 -11.24 -53.28 13.08
C ASP B 516 -11.03 -52.10 12.16
N VAL B 517 -10.81 -50.95 12.78
CA VAL B 517 -10.44 -49.76 12.04
C VAL B 517 -9.00 -49.46 12.43
N PRO B 518 -8.05 -49.70 11.52
CA PRO B 518 -6.64 -49.47 11.81
C PRO B 518 -6.36 -48.00 12.06
N GLY B 519 -5.30 -47.75 12.83
CA GLY B 519 -4.73 -46.43 12.96
C GLY B 519 -5.33 -45.55 14.03
N VAL B 520 -6.53 -45.84 14.50
CA VAL B 520 -7.24 -44.97 15.43
C VAL B 520 -7.59 -45.75 16.69
N GLU B 521 -7.92 -45.00 17.73
CA GLU B 521 -8.34 -45.61 18.98
C GLU B 521 -9.60 -46.44 18.78
N LEU B 522 -9.69 -47.49 19.59
CA LEU B 522 -10.77 -48.48 19.55
C LEU B 522 -11.73 -48.33 20.69
N GLY B 523 -12.99 -48.11 20.36
CA GLY B 523 -14.09 -48.11 21.29
C GLY B 523 -14.76 -49.46 21.21
N ALA B 524 -15.72 -49.69 22.09
CA ALA B 524 -16.31 -51.02 22.11
C ALA B 524 -17.83 -50.94 22.10
N MET B 525 -18.43 -51.92 21.44
CA MET B 525 -19.89 -52.04 21.46
C MET B 525 -20.26 -53.42 21.97
N ASP B 526 -21.18 -53.45 22.92
CA ASP B 526 -21.58 -54.65 23.63
C ASP B 526 -23.09 -54.65 23.81
N GLY B 527 -23.72 -55.70 23.27
CA GLY B 527 -25.15 -55.80 23.26
C GLY B 527 -25.70 -54.71 22.37
N GLY B 528 -26.36 -53.74 22.99
CA GLY B 528 -26.87 -52.59 22.28
C GLY B 528 -26.24 -51.31 22.78
N HIS B 529 -24.95 -51.32 23.11
CA HIS B 529 -24.34 -50.09 23.61
C HIS B 529 -22.96 -49.86 23.02
N LEU B 530 -22.67 -48.62 22.67
CA LEU B 530 -21.36 -48.29 22.19
C LEU B 530 -20.76 -47.32 23.20
N ARG B 531 -19.49 -47.54 23.53
CA ARG B 531 -18.78 -46.80 24.57
C ARG B 531 -17.40 -46.48 24.05
N LEU B 532 -17.07 -45.19 23.96
CA LEU B 532 -15.83 -44.72 23.35
C LEU B 532 -15.07 -43.81 24.29
N ALA B 533 -13.76 -44.02 24.37
CA ALA B 533 -12.85 -43.09 25.02
C ALA B 533 -12.73 -41.82 24.20
N GLY B 534 -11.90 -40.90 24.68
CA GLY B 534 -11.64 -39.69 23.93
C GLY B 534 -11.04 -39.95 22.56
N HIS B 535 -11.71 -39.43 21.52
CA HIS B 535 -11.25 -39.54 20.14
C HIS B 535 -11.12 -41.01 19.71
N ALA B 536 -12.12 -41.81 20.08
CA ALA B 536 -12.24 -43.21 19.70
C ALA B 536 -13.34 -43.35 18.65
N VAL B 537 -13.35 -44.49 17.96
CA VAL B 537 -14.29 -44.72 16.88
C VAL B 537 -14.71 -46.19 16.87
N VAL B 538 -16.01 -46.43 16.70
CA VAL B 538 -16.55 -47.76 16.49
C VAL B 538 -17.07 -47.87 15.06
N ALA B 539 -16.61 -48.90 14.34
CA ALA B 539 -17.08 -49.21 13.01
C ALA B 539 -17.57 -50.65 12.96
N ALA B 540 -18.79 -50.85 12.46
CA ALA B 540 -19.39 -52.16 12.34
C ALA B 540 -19.91 -52.36 10.93
N VAL B 541 -20.12 -53.62 10.56
CA VAL B 541 -20.70 -53.97 9.28
C VAL B 541 -22.12 -54.46 9.53
N GLY B 542 -23.01 -54.14 8.60
CA GLY B 542 -24.42 -54.51 8.65
C GLY B 542 -24.64 -55.88 8.04
N ARG B 543 -24.81 -56.88 8.89
CA ARG B 543 -24.97 -58.26 8.45
C ARG B 543 -26.42 -58.61 8.20
#